data_4H0O
#
_entry.id   4H0O
#
_cell.length_a   98.885
_cell.length_b   126.874
_cell.length_c   145.559
_cell.angle_alpha   90.00
_cell.angle_beta   90.00
_cell.angle_gamma   90.00
#
_symmetry.space_group_name_H-M   'I 2 2 2'
#
loop_
_entity.id
_entity.type
_entity.pdbx_description
1 polymer 'Acetate kinase'
2 water water
#
_entity_poly.entity_id   1
_entity_poly.type   'polypeptide(L)'
_entity_poly.pdbx_seq_one_letter_code
;MRGSHHHHHHGSMSNVLIFNVGSSSLTYKVFCSDNIVCSGKSNRVNVTGTEKPFIEHHLNGQIIKIETPILNHPQAAKLI
IQFLKENHISIAFVGHRFVHGGSYFKKSAVIDEVVLKELKECLPLAPIHNPSSFGVIEISMKELPTTRQYVAIDTAFHST
ISQAERTYAIPQPYQSQYLKFGFHGLSYEYVINSLKNVIDVSHSKIIACHLGTGGSSCCGIVNGKSFDTSMGNSTLAGLV
MSTRCGDIDPTIPIDMIQQVGIEKVVDILNKKSGLLGVSELSSDMRDILHEIETRGPKAKTCQLAFDVYIKQLAKTIGGL
MVEIGGLDLLVFTDQMGLEVWQVRKAICDKMKFLGIELDDSLNEKSMGKKIEFLTMPSSKVQVCVAPNDEELVILQKGKE
LFQF
;
_entity_poly.pdbx_strand_id   A,B
#
# COMPACT_ATOMS: atom_id res chain seq x y z
N SER A 14 -14.75 -28.54 34.70
CA SER A 14 -13.38 -28.45 35.20
C SER A 14 -12.77 -27.07 34.97
N ASN A 15 -11.74 -26.73 35.74
CA ASN A 15 -11.19 -25.38 35.75
C ASN A 15 -10.16 -25.07 34.66
N VAL A 16 -10.23 -23.86 34.11
CA VAL A 16 -9.29 -23.42 33.10
C VAL A 16 -8.55 -22.17 33.57
N LEU A 17 -7.21 -22.25 33.58
CA LEU A 17 -6.37 -21.10 33.92
C LEU A 17 -5.88 -20.44 32.63
N ILE A 18 -6.11 -19.13 32.50
CA ILE A 18 -5.65 -18.38 31.33
C ILE A 18 -4.62 -17.32 31.71
N PHE A 19 -3.46 -17.35 31.04
CA PHE A 19 -2.43 -16.35 31.27
C PHE A 19 -2.48 -15.27 30.20
N ASN A 20 -2.43 -14.00 30.63
CA ASN A 20 -2.35 -12.89 29.69
C ASN A 20 -1.06 -12.09 29.91
N VAL A 21 -0.09 -12.30 29.03
CA VAL A 21 1.21 -11.64 29.17
C VAL A 21 1.19 -10.22 28.60
N GLY A 22 1.57 -9.25 29.43
CA GLY A 22 1.65 -7.87 29.01
C GLY A 22 3.07 -7.32 29.08
N SER A 23 3.27 -6.08 28.66
CA SER A 23 4.57 -5.43 28.68
C SER A 23 5.22 -5.43 30.06
N SER A 24 4.45 -4.97 31.06
CA SER A 24 4.96 -4.82 32.41
C SER A 24 4.03 -5.49 33.42
N SER A 25 3.27 -6.49 32.96
CA SER A 25 2.31 -7.16 33.82
C SER A 25 2.01 -8.59 33.37
N LEU A 26 1.41 -9.36 34.27
CA LEU A 26 0.94 -10.69 33.97
C LEU A 26 -0.39 -10.89 34.68
N THR A 27 -1.47 -10.94 33.91
CA THR A 27 -2.79 -11.15 34.50
C THR A 27 -3.23 -12.59 34.29
N TYR A 28 -4.11 -13.06 35.15
CA TYR A 28 -4.69 -14.40 34.99
C TYR A 28 -6.16 -14.36 35.34
N LYS A 29 -6.89 -15.38 34.88
CA LYS A 29 -8.28 -15.58 35.25
C LYS A 29 -8.54 -17.08 35.21
N VAL A 30 -9.30 -17.57 36.18
CA VAL A 30 -9.65 -18.99 36.22
C VAL A 30 -11.14 -19.17 35.91
N PHE A 31 -11.45 -20.05 34.97
CA PHE A 31 -12.83 -20.25 34.53
C PHE A 31 -13.39 -21.61 34.94
N CYS A 32 -14.64 -21.61 35.38
CA CYS A 32 -15.40 -22.85 35.58
C CYS A 32 -16.77 -22.68 34.93
N SER A 33 -16.99 -23.41 33.85
CA SER A 33 -18.23 -23.31 33.06
C SER A 33 -18.55 -21.86 32.71
N ASP A 34 -17.62 -21.20 32.02
CA ASP A 34 -17.77 -19.81 31.59
C ASP A 34 -17.96 -18.82 32.75
N ASN A 35 -17.64 -19.24 33.96
CA ASN A 35 -17.73 -18.37 35.14
C ASN A 35 -16.37 -18.14 35.78
N ILE A 36 -16.11 -16.89 36.16
CA ILE A 36 -14.82 -16.53 36.76
C ILE A 36 -14.76 -16.92 38.25
N VAL A 37 -13.87 -17.87 38.55
CA VAL A 37 -13.63 -18.28 39.93
C VAL A 37 -12.67 -17.29 40.58
N CYS A 38 -11.41 -17.33 40.14
CA CYS A 38 -10.37 -16.47 40.68
C CYS A 38 -9.71 -15.65 39.58
N SER A 39 -9.10 -14.54 39.96
CA SER A 39 -8.41 -13.66 39.01
C SER A 39 -7.45 -12.72 39.72
N GLY A 40 -6.53 -12.14 38.96
CA GLY A 40 -5.58 -11.18 39.50
C GLY A 40 -4.46 -10.85 38.52
N LYS A 41 -3.46 -10.09 38.99
CA LYS A 41 -2.35 -9.69 38.14
C LYS A 41 -1.13 -9.25 38.92
N SER A 42 0.03 -9.28 38.26
CA SER A 42 1.29 -8.86 38.88
C SER A 42 1.70 -7.50 38.33
N ASN A 43 2.38 -6.72 39.18
CA ASN A 43 2.78 -5.35 38.85
C ASN A 43 1.58 -4.47 38.53
N LYS A 52 6.22 0.64 44.00
CA LYS A 52 6.47 -0.71 44.51
C LYS A 52 5.58 -1.74 43.82
N PRO A 53 6.20 -2.78 43.23
CA PRO A 53 5.47 -3.87 42.58
C PRO A 53 4.62 -4.69 43.55
N PHE A 54 3.56 -5.31 43.03
CA PHE A 54 2.66 -6.11 43.86
C PHE A 54 1.80 -7.07 43.02
N ILE A 55 1.34 -8.14 43.65
CA ILE A 55 0.36 -9.02 43.03
C ILE A 55 -0.99 -8.80 43.70
N GLU A 56 -2.04 -8.71 42.88
CA GLU A 56 -3.38 -8.50 43.41
C GLU A 56 -4.23 -9.72 43.08
N HIS A 57 -5.00 -10.20 44.05
CA HIS A 57 -5.84 -11.39 43.85
C HIS A 57 -7.31 -11.11 44.12
N HIS A 58 -8.19 -11.75 43.34
CA HIS A 58 -9.62 -11.64 43.52
C HIS A 58 -10.22 -13.04 43.71
N LEU A 59 -10.53 -13.38 44.96
CA LEU A 59 -11.05 -14.70 45.29
C LEU A 59 -12.16 -14.59 46.33
N ASN A 60 -13.22 -15.37 46.15
CA ASN A 60 -14.33 -15.41 47.10
C ASN A 60 -14.95 -14.04 47.43
N GLY A 61 -14.76 -13.08 46.53
CA GLY A 61 -15.32 -11.75 46.71
C GLY A 61 -14.43 -10.76 47.42
N GLN A 62 -13.28 -11.22 47.91
CA GLN A 62 -12.34 -10.34 48.60
C GLN A 62 -11.14 -9.97 47.73
N ILE A 63 -10.41 -8.94 48.14
CA ILE A 63 -9.26 -8.46 47.38
C ILE A 63 -7.97 -8.57 48.21
N ILE A 64 -7.06 -9.42 47.76
CA ILE A 64 -5.79 -9.61 48.45
C ILE A 64 -4.64 -8.99 47.67
N LYS A 65 -4.04 -7.93 48.23
CA LYS A 65 -2.87 -7.33 47.63
C LYS A 65 -1.63 -7.80 48.38
N ILE A 66 -0.58 -8.14 47.64
CA ILE A 66 0.66 -8.62 48.26
C ILE A 66 1.90 -7.94 47.68
N GLU A 67 2.63 -7.23 48.54
CA GLU A 67 3.88 -6.60 48.15
C GLU A 67 4.83 -7.64 47.59
N THR A 68 5.55 -7.27 46.53
CA THR A 68 6.56 -8.14 45.95
C THR A 68 7.80 -7.33 45.64
N PRO A 69 8.94 -8.02 45.50
CA PRO A 69 10.09 -7.39 44.86
C PRO A 69 9.82 -7.42 43.35
N ILE A 70 10.71 -6.83 42.55
CA ILE A 70 10.53 -6.83 41.10
C ILE A 70 10.63 -8.26 40.56
N LEU A 71 9.59 -8.69 39.83
CA LEU A 71 9.55 -10.03 39.25
C LEU A 71 9.70 -9.97 37.74
N ASN A 72 10.20 -11.04 37.14
CA ASN A 72 10.02 -11.23 35.70
C ASN A 72 8.74 -12.03 35.48
N HIS A 73 8.41 -12.33 34.23
CA HIS A 73 7.16 -13.03 33.93
C HIS A 73 7.07 -14.46 34.50
N PRO A 74 8.08 -15.32 34.24
CA PRO A 74 7.91 -16.69 34.76
C PRO A 74 7.97 -16.78 36.28
N GLN A 75 8.52 -15.76 36.96
CA GLN A 75 8.47 -15.71 38.41
C GLN A 75 7.05 -15.38 38.86
N ALA A 76 6.46 -14.36 38.23
CA ALA A 76 5.10 -13.95 38.51
C ALA A 76 4.13 -15.12 38.30
N ALA A 77 4.34 -15.86 37.22
CA ALA A 77 3.51 -17.02 36.91
C ALA A 77 3.62 -18.06 38.03
N LYS A 78 4.84 -18.34 38.46
CA LYS A 78 5.10 -19.30 39.52
C LYS A 78 4.36 -18.92 40.80
N LEU A 79 4.44 -17.65 41.18
CA LEU A 79 3.79 -17.15 42.38
C LEU A 79 2.27 -17.26 42.30
N ILE A 80 1.72 -16.99 41.11
CA ILE A 80 0.29 -17.13 40.88
C ILE A 80 -0.15 -18.58 41.05
N ILE A 81 0.62 -19.52 40.49
CA ILE A 81 0.35 -20.95 40.66
C ILE A 81 0.36 -21.33 42.14
N GLN A 82 1.35 -20.83 42.86
CA GLN A 82 1.49 -21.11 44.29
C GLN A 82 0.26 -20.64 45.07
N PHE A 83 -0.20 -19.42 44.79
CA PHE A 83 -1.39 -18.87 45.43
C PHE A 83 -2.60 -19.75 45.14
N LEU A 84 -2.68 -20.26 43.91
CA LEU A 84 -3.80 -21.10 43.51
C LEU A 84 -3.77 -22.44 44.25
N LYS A 85 -2.58 -23.03 44.37
CA LYS A 85 -2.41 -24.31 45.07
C LYS A 85 -2.75 -24.19 46.56
N GLU A 86 -2.32 -23.08 47.17
CA GLU A 86 -2.56 -22.84 48.59
C GLU A 86 -4.04 -22.70 48.93
N ASN A 87 -4.83 -22.32 47.93
CA ASN A 87 -6.27 -22.13 48.12
C ASN A 87 -7.09 -23.29 47.57
N HIS A 88 -6.39 -24.33 47.13
CA HIS A 88 -7.02 -25.53 46.58
C HIS A 88 -7.84 -25.28 45.31
N ILE A 89 -7.43 -24.29 44.52
CA ILE A 89 -8.05 -24.06 43.23
C ILE A 89 -7.50 -25.09 42.24
N SER A 90 -8.21 -26.21 42.09
CA SER A 90 -7.79 -27.26 41.17
C SER A 90 -7.79 -26.73 39.74
N ILE A 91 -6.78 -27.09 38.97
CA ILE A 91 -6.64 -26.64 37.59
C ILE A 91 -6.46 -27.83 36.65
N ALA A 92 -7.33 -27.95 35.66
CA ALA A 92 -7.25 -29.04 34.67
C ALA A 92 -6.65 -28.55 33.36
N PHE A 93 -6.79 -27.26 33.07
CA PHE A 93 -6.33 -26.69 31.81
C PHE A 93 -5.62 -25.34 31.98
N VAL A 94 -4.58 -25.13 31.18
CA VAL A 94 -3.91 -23.83 31.11
C VAL A 94 -3.83 -23.36 29.66
N GLY A 95 -4.33 -22.16 29.39
CA GLY A 95 -4.28 -21.60 28.06
C GLY A 95 -3.24 -20.51 27.93
N HIS A 96 -2.53 -20.49 26.81
CA HIS A 96 -1.48 -19.49 26.57
C HIS A 96 -1.67 -18.79 25.23
N ARG A 97 -1.22 -17.55 25.14
CA ARG A 97 -1.20 -16.85 23.87
C ARG A 97 0.23 -16.68 23.35
N PHE A 98 0.43 -17.04 22.09
CA PHE A 98 1.72 -16.89 21.43
C PHE A 98 1.46 -16.11 20.14
N VAL A 99 2.12 -14.96 19.99
CA VAL A 99 1.81 -14.06 18.88
C VAL A 99 2.21 -14.60 17.51
N HIS A 100 3.49 -14.87 17.32
CA HIS A 100 4.00 -15.25 16.01
C HIS A 100 4.44 -16.72 15.97
N GLY A 101 3.59 -17.58 15.41
CA GLY A 101 3.87 -19.00 15.35
C GLY A 101 4.58 -19.44 14.08
N GLY A 102 5.00 -18.47 13.26
CA GLY A 102 5.80 -18.75 12.08
C GLY A 102 5.15 -19.64 11.03
N SER A 103 5.98 -20.19 10.15
CA SER A 103 5.49 -21.02 9.05
C SER A 103 5.02 -22.40 9.52
N TYR A 104 5.43 -22.83 10.70
CA TYR A 104 5.06 -24.15 11.18
C TYR A 104 3.61 -24.24 11.66
N PHE A 105 3.24 -23.34 12.56
CA PHE A 105 1.93 -23.43 13.20
C PHE A 105 0.79 -22.91 12.31
N LYS A 106 0.04 -23.85 11.73
CA LYS A 106 -1.07 -23.53 10.85
C LYS A 106 -2.38 -23.50 11.64
N LYS A 107 -2.36 -24.09 12.83
CA LYS A 107 -3.46 -24.00 13.77
C LYS A 107 -2.92 -23.90 15.19
N SER A 108 -3.77 -23.56 16.15
CA SER A 108 -3.36 -23.58 17.54
C SER A 108 -3.18 -25.04 17.96
N ALA A 109 -2.52 -25.26 19.10
CA ALA A 109 -2.16 -26.63 19.48
C ALA A 109 -2.10 -26.90 20.97
N VAL A 110 -2.43 -28.13 21.35
CA VAL A 110 -2.18 -28.61 22.70
C VAL A 110 -0.67 -28.78 22.80
N ILE A 111 -0.11 -28.48 23.97
CA ILE A 111 1.34 -28.43 24.09
C ILE A 111 2.03 -29.76 24.39
N ASP A 112 2.85 -30.21 23.45
CA ASP A 112 3.67 -31.41 23.63
C ASP A 112 5.14 -31.08 23.36
N GLU A 113 6.00 -32.09 23.36
CA GLU A 113 7.43 -31.89 23.13
C GLU A 113 7.74 -31.32 21.74
N VAL A 114 6.97 -31.75 20.73
CA VAL A 114 7.16 -31.24 19.37
C VAL A 114 6.75 -29.76 19.26
N VAL A 115 5.62 -29.42 19.87
CA VAL A 115 5.15 -28.04 19.92
C VAL A 115 6.15 -27.12 20.63
N LEU A 116 6.65 -27.57 21.78
CA LEU A 116 7.65 -26.82 22.54
C LEU A 116 8.89 -26.55 21.70
N LYS A 117 9.32 -27.55 20.94
CA LYS A 117 10.48 -27.40 20.07
C LYS A 117 10.25 -26.34 18.99
N GLU A 118 9.10 -26.41 18.34
CA GLU A 118 8.78 -25.48 17.26
C GLU A 118 8.56 -24.05 17.78
N LEU A 119 7.92 -23.95 18.94
CA LEU A 119 7.73 -22.66 19.61
C LEU A 119 9.07 -21.97 19.86
N LYS A 120 10.05 -22.75 20.33
CA LYS A 120 11.36 -22.20 20.65
C LYS A 120 12.06 -21.68 19.39
N GLU A 121 11.76 -22.29 18.24
CA GLU A 121 12.30 -21.82 16.97
C GLU A 121 11.61 -20.54 16.48
N CYS A 122 10.46 -20.22 17.06
CA CYS A 122 9.72 -19.02 16.70
C CYS A 122 10.13 -17.79 17.50
N LEU A 123 11.00 -17.98 18.50
CA LEU A 123 11.43 -16.88 19.37
C LEU A 123 12.01 -15.66 18.64
N PRO A 124 12.92 -15.86 17.65
CA PRO A 124 13.44 -14.68 16.97
C PRO A 124 12.43 -13.94 16.09
N LEU A 125 11.23 -14.50 15.91
CA LEU A 125 10.23 -13.88 15.05
C LEU A 125 9.56 -12.68 15.69
N ALA A 126 9.41 -12.73 17.01
CA ALA A 126 8.82 -11.63 17.77
C ALA A 126 9.51 -11.53 19.13
N PRO A 127 10.74 -10.99 19.13
CA PRO A 127 11.62 -10.91 20.31
C PRO A 127 11.01 -10.12 21.47
N ILE A 128 10.00 -9.31 21.16
CA ILE A 128 9.31 -8.50 22.15
C ILE A 128 8.16 -9.28 22.81
N HIS A 129 7.52 -10.14 22.02
CA HIS A 129 6.33 -10.87 22.48
C HIS A 129 6.63 -12.33 22.87
N ASN A 130 7.12 -13.10 21.91
CA ASN A 130 7.33 -14.54 22.08
C ASN A 130 8.17 -15.02 23.28
N PRO A 131 9.35 -14.43 23.53
CA PRO A 131 10.19 -14.93 24.63
C PRO A 131 9.50 -14.93 26.00
N SER A 132 8.93 -13.81 26.43
CA SER A 132 8.26 -13.78 27.73
C SER A 132 7.02 -14.67 27.76
N SER A 133 6.35 -14.81 26.61
CA SER A 133 5.23 -15.73 26.51
C SER A 133 5.71 -17.17 26.67
N PHE A 134 6.79 -17.52 25.99
CA PHE A 134 7.36 -18.86 26.06
C PHE A 134 7.91 -19.17 27.44
N GLY A 135 8.38 -18.13 28.14
CA GLY A 135 8.89 -18.28 29.49
C GLY A 135 7.80 -18.73 30.44
N VAL A 136 6.64 -18.06 30.36
CA VAL A 136 5.48 -18.42 31.17
C VAL A 136 5.01 -19.85 30.88
N ILE A 137 5.06 -20.23 29.61
CA ILE A 137 4.66 -21.58 29.20
C ILE A 137 5.55 -22.64 29.84
N GLU A 138 6.87 -22.45 29.72
CA GLU A 138 7.84 -23.38 30.29
C GLU A 138 7.66 -23.56 31.79
N ILE A 139 7.54 -22.45 32.53
CA ILE A 139 7.35 -22.54 33.97
C ILE A 139 6.00 -23.17 34.33
N SER A 140 5.00 -22.97 33.48
CA SER A 140 3.66 -23.51 33.72
C SER A 140 3.61 -25.02 33.51
N MET A 141 4.35 -25.50 32.50
CA MET A 141 4.44 -26.93 32.23
C MET A 141 5.17 -27.63 33.37
N LYS A 142 6.15 -26.95 33.95
CA LYS A 142 6.97 -27.52 35.03
C LYS A 142 6.22 -27.51 36.37
N GLU A 143 5.45 -26.46 36.62
CA GLU A 143 4.74 -26.30 37.88
C GLU A 143 3.38 -26.99 37.90
N LEU A 144 2.85 -27.28 36.72
CA LEU A 144 1.58 -28.01 36.59
C LEU A 144 1.68 -29.15 35.58
N PRO A 145 2.41 -30.22 35.95
CA PRO A 145 2.72 -31.31 35.01
C PRO A 145 1.57 -32.31 34.79
N THR A 146 0.48 -32.14 35.53
CA THR A 146 -0.67 -33.04 35.40
C THR A 146 -1.79 -32.42 34.57
N THR A 147 -1.69 -31.11 34.35
CA THR A 147 -2.69 -30.38 33.57
C THR A 147 -2.43 -30.47 32.08
N ARG A 148 -3.51 -30.36 31.29
CA ARG A 148 -3.39 -30.24 29.85
C ARG A 148 -3.23 -28.76 29.54
N GLN A 149 -2.28 -28.42 28.66
CA GLN A 149 -2.06 -27.03 28.32
C GLN A 149 -2.05 -26.83 26.80
N TYR A 150 -2.56 -25.68 26.37
CA TYR A 150 -2.64 -25.35 24.95
C TYR A 150 -2.12 -23.96 24.68
N VAL A 151 -1.69 -23.73 23.45
CA VAL A 151 -1.19 -22.42 23.05
C VAL A 151 -2.05 -21.86 21.91
N ALA A 152 -2.64 -20.69 22.13
CA ALA A 152 -3.44 -20.03 21.10
C ALA A 152 -2.53 -19.13 20.27
N ILE A 153 -2.47 -19.39 18.96
CA ILE A 153 -1.49 -18.74 18.09
C ILE A 153 -2.08 -17.71 17.12
N ASP A 154 -1.67 -16.46 17.26
CA ASP A 154 -2.29 -15.34 16.56
C ASP A 154 -2.17 -15.37 15.03
N THR A 155 -1.17 -16.07 14.52
CA THR A 155 -0.90 -16.09 13.08
C THR A 155 -1.62 -17.23 12.38
N ALA A 156 -2.15 -18.16 13.16
CA ALA A 156 -2.76 -19.39 12.61
C ALA A 156 -4.01 -19.16 11.76
N PHE A 157 -4.88 -18.25 12.20
CA PHE A 157 -6.13 -17.96 11.50
C PHE A 157 -5.92 -17.54 10.04
N HIS A 158 -4.73 -17.01 9.76
CA HIS A 158 -4.43 -16.50 8.42
C HIS A 158 -3.78 -17.54 7.52
N SER A 159 -3.82 -18.81 7.93
CA SER A 159 -3.26 -19.88 7.14
C SER A 159 -4.09 -20.20 5.90
N THR A 160 -5.29 -19.64 5.83
CA THR A 160 -6.17 -19.85 4.68
C THR A 160 -5.88 -18.86 3.54
N ILE A 161 -5.00 -17.90 3.81
CA ILE A 161 -4.59 -16.92 2.81
C ILE A 161 -3.73 -17.56 1.72
N SER A 162 -4.08 -17.31 0.46
CA SER A 162 -3.38 -17.94 -0.67
C SER A 162 -1.96 -17.39 -0.87
N GLN A 163 -1.17 -18.12 -1.66
CA GLN A 163 0.20 -17.72 -1.97
C GLN A 163 0.28 -16.32 -2.58
N ALA A 164 -0.60 -16.05 -3.55
CA ALA A 164 -0.60 -14.78 -4.25
C ALA A 164 -0.86 -13.59 -3.32
N GLU A 165 -1.66 -13.81 -2.28
CA GLU A 165 -1.93 -12.75 -1.31
C GLU A 165 -0.83 -12.63 -0.25
N ARG A 166 0.01 -13.65 -0.12
CA ARG A 166 1.11 -13.64 0.85
C ARG A 166 2.41 -13.16 0.24
N THR A 167 2.47 -13.14 -1.09
CA THR A 167 3.71 -12.91 -1.81
C THR A 167 3.93 -11.43 -2.17
N TYR A 168 5.08 -10.90 -1.76
CA TYR A 168 5.50 -9.58 -2.23
C TYR A 168 6.27 -9.71 -3.56
N ALA A 169 6.12 -8.71 -4.41
CA ALA A 169 6.74 -8.75 -5.73
C ALA A 169 8.26 -8.53 -5.68
N ILE A 170 8.96 -9.45 -5.02
CA ILE A 170 10.42 -9.42 -4.92
C ILE A 170 10.98 -10.78 -5.39
N PRO A 171 12.24 -10.80 -5.84
CA PRO A 171 12.74 -12.08 -6.37
C PRO A 171 13.16 -13.04 -5.25
N GLN A 172 13.27 -14.32 -5.57
CA GLN A 172 13.88 -15.27 -4.65
C GLN A 172 15.35 -14.88 -4.48
N PRO A 173 15.96 -15.20 -3.32
CA PRO A 173 15.40 -15.95 -2.19
C PRO A 173 14.59 -15.09 -1.23
N TYR A 174 14.62 -13.78 -1.41
CA TYR A 174 13.94 -12.86 -0.49
C TYR A 174 12.43 -13.07 -0.47
N GLN A 175 11.88 -13.54 -1.59
CA GLN A 175 10.45 -13.77 -1.72
C GLN A 175 9.92 -14.74 -0.67
N SER A 176 10.59 -15.88 -0.51
CA SER A 176 10.16 -16.89 0.45
C SER A 176 10.58 -16.55 1.89
N GLN A 177 11.59 -15.71 2.03
CA GLN A 177 12.04 -15.28 3.36
C GLN A 177 11.04 -14.33 4.01
N TYR A 178 10.40 -13.49 3.20
CA TYR A 178 9.52 -12.44 3.73
C TYR A 178 8.09 -12.58 3.24
N LEU A 179 7.49 -13.74 3.43
CA LEU A 179 6.09 -13.95 3.13
C LEU A 179 5.23 -13.21 4.16
N LYS A 180 4.03 -12.81 3.76
CA LYS A 180 3.11 -12.18 4.71
C LYS A 180 2.60 -13.21 5.71
N PHE A 181 2.44 -12.79 6.96
CA PHE A 181 1.89 -13.66 7.98
C PHE A 181 0.52 -13.18 8.46
N GLY A 182 0.41 -11.90 8.82
CA GLY A 182 -0.83 -11.36 9.36
C GLY A 182 -1.00 -11.73 10.83
N PHE A 183 -1.65 -10.86 11.58
CA PHE A 183 -1.75 -11.03 13.02
C PHE A 183 -3.15 -10.75 13.54
N HIS A 184 -3.30 -10.67 14.86
CA HIS A 184 -4.59 -10.47 15.51
C HIS A 184 -5.59 -11.58 15.10
N GLY A 185 -5.05 -12.75 14.77
CA GLY A 185 -5.84 -13.84 14.24
C GLY A 185 -6.85 -14.42 15.21
N LEU A 186 -6.52 -14.43 16.49
CA LEU A 186 -7.42 -14.94 17.52
C LEU A 186 -8.59 -13.99 17.70
N SER A 187 -8.29 -12.70 17.71
CA SER A 187 -9.31 -11.66 17.81
C SER A 187 -10.35 -11.80 16.69
N TYR A 188 -9.86 -11.90 15.45
CA TYR A 188 -10.73 -12.06 14.29
C TYR A 188 -11.55 -13.35 14.39
N GLU A 189 -10.91 -14.43 14.81
CA GLU A 189 -11.57 -15.73 14.89
C GLU A 189 -12.66 -15.73 15.95
N TYR A 190 -12.37 -15.11 17.09
CA TYR A 190 -13.35 -14.98 18.17
C TYR A 190 -14.56 -14.16 17.73
N VAL A 191 -14.30 -13.02 17.10
CA VAL A 191 -15.37 -12.14 16.63
C VAL A 191 -16.28 -12.83 15.62
N ILE A 192 -15.66 -13.49 14.64
CA ILE A 192 -16.41 -14.26 13.64
C ILE A 192 -17.29 -15.31 14.31
N ASN A 193 -16.73 -16.04 15.26
CA ASN A 193 -17.47 -17.08 15.97
C ASN A 193 -18.66 -16.53 16.76
N SER A 194 -18.49 -15.32 17.28
CA SER A 194 -19.53 -14.71 18.11
C SER A 194 -20.67 -14.12 17.27
N LEU A 195 -20.43 -13.99 15.96
CA LEU A 195 -21.44 -13.43 15.05
C LEU A 195 -22.27 -14.54 14.37
N LYS A 196 -22.03 -15.79 14.75
CA LYS A 196 -22.63 -16.93 14.04
C LYS A 196 -24.12 -17.14 14.29
N ASN A 197 -24.63 -16.58 15.39
CA ASN A 197 -26.05 -16.67 15.71
C ASN A 197 -26.80 -15.45 15.18
N VAL A 198 -26.07 -14.37 14.98
CA VAL A 198 -26.64 -13.10 14.55
C VAL A 198 -26.70 -12.96 13.02
N ILE A 199 -25.65 -13.42 12.34
CA ILE A 199 -25.62 -13.45 10.88
C ILE A 199 -25.27 -14.85 10.36
N ASP A 200 -25.38 -15.03 9.05
CA ASP A 200 -24.94 -16.27 8.41
C ASP A 200 -23.52 -16.10 7.88
N VAL A 201 -22.53 -16.42 8.70
CA VAL A 201 -21.12 -16.26 8.33
C VAL A 201 -20.70 -17.17 7.19
N SER A 202 -21.35 -18.33 7.07
CA SER A 202 -20.98 -19.32 6.05
C SER A 202 -21.20 -18.80 4.62
N HIS A 203 -22.00 -17.76 4.50
CA HIS A 203 -22.23 -17.10 3.22
C HIS A 203 -22.14 -15.59 3.43
N SER A 204 -20.94 -15.08 3.64
CA SER A 204 -20.77 -13.67 3.97
C SER A 204 -19.41 -13.10 3.56
N LYS A 205 -19.39 -11.80 3.30
CA LYS A 205 -18.15 -11.09 3.08
C LYS A 205 -18.02 -10.02 4.15
N ILE A 206 -17.05 -10.22 5.04
CA ILE A 206 -16.88 -9.37 6.20
C ILE A 206 -15.50 -8.72 6.20
N ILE A 207 -15.46 -7.43 6.52
CA ILE A 207 -14.20 -6.74 6.76
C ILE A 207 -14.15 -6.36 8.23
N ALA A 208 -13.22 -6.97 8.95
CA ALA A 208 -13.06 -6.69 10.37
C ALA A 208 -11.90 -5.74 10.60
N CYS A 209 -12.08 -4.79 11.50
CA CYS A 209 -11.03 -3.84 11.82
C CYS A 209 -10.64 -3.96 13.29
N HIS A 210 -9.45 -4.48 13.53
CA HIS A 210 -8.91 -4.60 14.88
C HIS A 210 -8.17 -3.32 15.23
N LEU A 211 -8.90 -2.33 15.74
CA LEU A 211 -8.30 -1.04 16.07
C LEU A 211 -7.99 -0.98 17.55
N GLY A 212 -6.74 -1.25 17.90
CA GLY A 212 -6.34 -1.22 19.28
C GLY A 212 -5.21 -0.25 19.58
N THR A 213 -4.83 -0.18 20.85
CA THR A 213 -3.56 0.42 21.24
C THR A 213 -2.51 -0.60 20.84
N GLY A 214 -1.30 -0.14 20.53
CA GLY A 214 -0.30 -1.04 19.99
C GLY A 214 -0.55 -1.28 18.52
N GLY A 215 -0.80 -2.53 18.14
CA GLY A 215 -1.07 -2.85 16.76
C GLY A 215 -2.52 -2.67 16.33
N SER A 216 -2.71 -2.25 15.10
CA SER A 216 -4.04 -2.22 14.49
C SER A 216 -3.95 -2.88 13.11
N SER A 217 -5.00 -3.60 12.73
CA SER A 217 -5.04 -4.24 11.41
C SER A 217 -6.46 -4.42 10.90
N CYS A 218 -6.57 -4.72 9.60
CA CYS A 218 -7.85 -5.09 8.99
C CYS A 218 -7.73 -6.45 8.35
N CYS A 219 -8.86 -7.15 8.25
CA CYS A 219 -8.87 -8.47 7.65
C CYS A 219 -10.09 -8.66 6.74
N GLY A 220 -9.87 -9.20 5.54
CA GLY A 220 -10.95 -9.53 4.65
C GLY A 220 -11.33 -10.98 4.85
N ILE A 221 -12.57 -11.23 5.26
CA ILE A 221 -13.00 -12.56 5.64
C ILE A 221 -14.13 -13.08 4.74
N VAL A 222 -13.86 -14.18 4.04
CA VAL A 222 -14.85 -14.78 3.14
C VAL A 222 -15.39 -16.07 3.72
N ASN A 223 -16.70 -16.10 3.99
CA ASN A 223 -17.35 -17.29 4.54
C ASN A 223 -16.71 -17.80 5.83
N GLY A 224 -16.26 -16.87 6.66
CA GLY A 224 -15.69 -17.22 7.95
C GLY A 224 -14.19 -17.40 7.95
N LYS A 225 -13.56 -17.28 6.78
CA LYS A 225 -12.13 -17.53 6.65
C LYS A 225 -11.34 -16.33 6.16
N SER A 226 -10.14 -16.15 6.71
CA SER A 226 -9.26 -15.07 6.30
C SER A 226 -8.93 -15.19 4.81
N PHE A 227 -9.02 -14.09 4.09
CA PHE A 227 -8.63 -14.07 2.68
C PHE A 227 -7.43 -13.16 2.47
N ASP A 228 -7.42 -12.02 3.17
CA ASP A 228 -6.25 -11.14 3.18
C ASP A 228 -6.30 -10.25 4.42
N THR A 229 -5.14 -9.71 4.78
CA THR A 229 -5.03 -8.89 5.99
C THR A 229 -4.08 -7.73 5.72
N SER A 230 -4.13 -6.70 6.57
CA SER A 230 -3.34 -5.48 6.33
C SER A 230 -1.90 -5.56 6.83
N MET A 231 -1.63 -6.45 7.78
CA MET A 231 -0.25 -6.64 8.24
C MET A 231 0.49 -7.57 7.26
N GLY A 232 1.82 -7.58 7.36
CA GLY A 232 2.63 -8.33 6.42
C GLY A 232 3.55 -9.34 7.09
N ASN A 233 4.82 -9.29 6.71
CA ASN A 233 5.83 -10.13 7.36
C ASN A 233 6.08 -9.65 8.78
N SER A 234 5.95 -8.34 8.98
CA SER A 234 6.15 -7.71 10.28
C SER A 234 4.86 -7.05 10.78
N THR A 235 4.89 -6.60 12.04
CA THR A 235 3.74 -5.94 12.65
C THR A 235 3.78 -4.42 12.43
N LEU A 236 4.62 -4.00 11.50
CA LEU A 236 4.78 -2.58 11.17
C LEU A 236 3.89 -2.21 9.99
N ALA A 237 3.58 -3.20 9.16
CA ALA A 237 2.88 -2.98 7.89
C ALA A 237 1.40 -2.62 8.03
N GLY A 238 0.88 -1.90 7.04
CA GLY A 238 -0.55 -1.67 6.94
C GLY A 238 -1.08 -0.33 7.41
N LEU A 239 -1.93 -0.37 8.41
CA LEU A 239 -2.61 0.83 8.93
C LEU A 239 -1.67 1.74 9.72
N VAL A 240 -2.04 3.02 9.79
CA VAL A 240 -1.42 3.93 10.75
C VAL A 240 -1.81 3.45 12.14
N MET A 241 -0.85 3.38 13.05
CA MET A 241 -1.13 2.90 14.41
C MET A 241 -0.73 3.94 15.45
N SER A 242 -0.79 3.55 16.72
CA SER A 242 -0.44 4.43 17.83
C SER A 242 0.96 5.05 17.65
N THR A 243 1.96 4.20 17.48
CA THR A 243 3.34 4.66 17.30
C THR A 243 4.02 4.06 16.07
N ARG A 244 3.26 3.38 15.22
CA ARG A 244 3.83 2.73 14.04
C ARG A 244 3.37 3.36 12.74
N CYS A 245 4.28 3.41 11.76
CA CYS A 245 4.04 4.15 10.52
C CYS A 245 3.02 3.50 9.58
N GLY A 246 2.95 2.17 9.60
CA GLY A 246 2.12 1.45 8.65
C GLY A 246 2.78 1.44 7.28
N ASP A 247 2.02 1.14 6.24
CA ASP A 247 2.56 1.13 4.88
C ASP A 247 3.08 2.51 4.46
N ILE A 248 4.35 2.56 4.07
CA ILE A 248 4.98 3.79 3.58
C ILE A 248 5.82 3.48 2.34
N ASP A 249 6.29 4.52 1.67
CA ASP A 249 7.21 4.38 0.54
C ASP A 249 8.46 3.62 1.00
N PRO A 250 8.73 2.46 0.38
CA PRO A 250 9.83 1.55 0.77
C PRO A 250 11.23 2.15 0.68
N THR A 251 11.42 3.21 -0.09
CA THR A 251 12.75 3.82 -0.21
C THR A 251 13.05 4.71 1.00
N ILE A 252 12.00 5.12 1.69
CA ILE A 252 12.14 5.96 2.88
C ILE A 252 12.91 5.29 4.04
N PRO A 253 12.58 4.02 4.38
CA PRO A 253 13.41 3.36 5.40
C PRO A 253 14.87 3.29 4.96
N ILE A 254 15.10 3.17 3.65
CA ILE A 254 16.45 3.08 3.12
C ILE A 254 17.19 4.43 3.21
N ASP A 255 16.50 5.50 2.85
CA ASP A 255 17.07 6.85 2.94
C ASP A 255 17.37 7.25 4.39
N MET A 256 16.47 6.89 5.31
CA MET A 256 16.66 7.21 6.73
C MET A 256 17.86 6.45 7.31
N ILE A 257 18.04 5.21 6.87
CA ILE A 257 19.17 4.39 7.30
C ILE A 257 20.51 5.06 6.93
N GLN A 258 20.55 5.70 5.77
CA GLN A 258 21.73 6.43 5.33
C GLN A 258 22.02 7.63 6.23
N GLN A 259 21.03 8.02 7.02
CA GLN A 259 21.18 9.14 7.96
C GLN A 259 21.54 8.69 9.37
N VAL A 260 20.80 7.71 9.90
CA VAL A 260 20.91 7.34 11.32
C VAL A 260 21.16 5.85 11.62
N GLY A 261 21.24 5.02 10.58
CA GLY A 261 21.54 3.61 10.77
C GLY A 261 20.33 2.72 11.04
N ILE A 262 20.53 1.41 10.92
CA ILE A 262 19.45 0.42 10.93
C ILE A 262 18.58 0.42 12.19
N GLU A 263 19.21 0.25 13.35
CA GLU A 263 18.46 0.11 14.60
C GLU A 263 17.69 1.35 15.02
N LYS A 264 18.23 2.53 14.70
CA LYS A 264 17.55 3.78 15.04
C LYS A 264 16.30 3.97 14.18
N VAL A 265 16.41 3.67 12.88
CA VAL A 265 15.27 3.73 11.97
C VAL A 265 14.14 2.81 12.46
N VAL A 266 14.51 1.57 12.80
CA VAL A 266 13.57 0.60 13.34
C VAL A 266 12.84 1.17 14.56
N ASP A 267 13.57 1.84 15.44
CA ASP A 267 12.98 2.44 16.64
C ASP A 267 12.01 3.56 16.30
N ILE A 268 12.38 4.41 15.35
CA ILE A 268 11.55 5.53 14.93
C ILE A 268 10.24 5.05 14.29
N LEU A 269 10.33 4.07 13.41
CA LEU A 269 9.17 3.59 12.66
C LEU A 269 8.19 2.82 13.55
N ASN A 270 8.68 2.29 14.68
CA ASN A 270 7.88 1.45 15.56
C ASN A 270 7.40 2.13 16.85
N LYS A 271 8.15 3.13 17.32
CA LYS A 271 7.87 3.72 18.63
C LYS A 271 7.71 5.25 18.58
N LYS A 272 8.09 5.85 17.46
CA LYS A 272 8.03 7.31 17.34
C LYS A 272 7.32 7.77 16.07
N SER A 273 6.42 6.93 15.57
CA SER A 273 5.65 7.27 14.37
C SER A 273 4.14 7.18 14.63
N GLY A 274 3.38 6.86 13.58
CA GLY A 274 1.94 6.72 13.70
C GLY A 274 1.25 7.96 14.23
N LEU A 275 0.21 7.76 15.04
CA LEU A 275 -0.52 8.85 15.63
C LEU A 275 0.38 9.77 16.47
N LEU A 276 1.32 9.16 17.19
CA LEU A 276 2.24 9.91 18.04
C LEU A 276 3.15 10.84 17.23
N GLY A 277 3.78 10.29 16.20
CA GLY A 277 4.71 11.05 15.38
C GLY A 277 4.09 12.22 14.64
N VAL A 278 2.83 12.06 14.23
CA VAL A 278 2.14 13.07 13.45
C VAL A 278 1.40 14.10 14.33
N SER A 279 0.75 13.63 15.39
CA SER A 279 0.04 14.53 16.29
C SER A 279 0.99 15.42 17.08
N GLU A 280 2.17 14.88 17.39
CA GLU A 280 3.13 15.52 18.29
C GLU A 280 2.44 15.85 19.60
N LEU A 281 1.58 14.94 20.04
CA LEU A 281 0.83 15.10 21.28
C LEU A 281 0.74 13.79 22.03
N SER A 282 0.08 12.81 21.42
CA SER A 282 -0.17 11.54 22.10
C SER A 282 -0.31 10.37 21.13
N SER A 283 -0.05 9.16 21.63
CA SER A 283 -0.27 7.94 20.88
C SER A 283 -1.72 7.49 21.05
N ASP A 284 -2.45 8.15 21.95
CA ASP A 284 -3.85 7.80 22.22
C ASP A 284 -4.80 8.66 21.39
N MET A 285 -5.61 8.00 20.56
CA MET A 285 -6.55 8.68 19.67
C MET A 285 -7.53 9.58 20.43
N ARG A 286 -7.87 9.17 21.66
CA ARG A 286 -8.81 9.92 22.48
C ARG A 286 -8.24 11.28 22.90
N ASP A 287 -6.95 11.31 23.22
CA ASP A 287 -6.26 12.57 23.52
C ASP A 287 -6.21 13.45 22.29
N ILE A 288 -6.02 12.82 21.13
CA ILE A 288 -5.97 13.52 19.86
C ILE A 288 -7.32 14.15 19.51
N LEU A 289 -8.39 13.38 19.70
CA LEU A 289 -9.74 13.88 19.45
C LEU A 289 -10.05 15.04 20.40
N HIS A 290 -9.65 14.89 21.66
CA HIS A 290 -9.88 15.93 22.65
C HIS A 290 -9.26 17.27 22.25
N GLU A 291 -7.98 17.22 21.87
CA GLU A 291 -7.26 18.43 21.48
C GLU A 291 -7.88 19.15 20.27
N ILE A 292 -8.41 18.39 19.33
CA ILE A 292 -9.07 18.94 18.16
C ILE A 292 -10.36 19.66 18.56
N GLU A 293 -11.19 18.95 19.34
CA GLU A 293 -12.50 19.43 19.71
C GLU A 293 -12.48 20.51 20.80
N THR A 294 -11.32 20.70 21.41
CA THR A 294 -11.18 21.68 22.49
C THR A 294 -10.48 22.94 22.01
N ARG A 295 -9.60 22.77 21.02
CA ARG A 295 -8.83 23.88 20.46
C ARG A 295 -8.29 24.78 21.56
N GLY A 296 -7.03 24.60 21.93
CA GLY A 296 -6.17 23.58 21.33
C GLY A 296 -4.91 24.17 20.71
N PRO A 297 -3.75 23.78 21.22
CA PRO A 297 -2.48 24.32 20.72
C PRO A 297 -1.81 23.37 19.72
N LYS A 298 -2.25 22.13 19.70
CA LYS A 298 -1.68 21.11 18.80
C LYS A 298 -2.76 20.54 17.88
N ALA A 299 -3.91 21.20 17.83
CA ALA A 299 -5.02 20.76 16.99
C ALA A 299 -4.57 20.53 15.55
N LYS A 300 -3.86 21.52 15.00
CA LYS A 300 -3.37 21.44 13.63
C LYS A 300 -2.74 20.08 13.36
N THR A 301 -1.67 19.76 14.10
CA THR A 301 -0.99 18.49 13.94
C THR A 301 -1.90 17.31 14.29
N CYS A 302 -2.80 17.54 15.24
CA CYS A 302 -3.73 16.51 15.68
C CYS A 302 -4.78 16.22 14.60
N GLN A 303 -5.22 17.27 13.92
CA GLN A 303 -6.16 17.13 12.82
C GLN A 303 -5.51 16.35 11.68
N LEU A 304 -4.25 16.68 11.40
CA LEU A 304 -3.47 15.98 10.38
C LEU A 304 -3.34 14.50 10.71
N ALA A 305 -3.04 14.20 11.97
CA ALA A 305 -2.89 12.83 12.44
C ALA A 305 -4.19 12.04 12.27
N PHE A 306 -5.32 12.70 12.53
CA PHE A 306 -6.61 12.04 12.40
C PHE A 306 -6.96 11.79 10.93
N ASP A 307 -6.71 12.79 10.08
CA ASP A 307 -6.98 12.66 8.66
C ASP A 307 -6.14 11.58 7.99
N VAL A 308 -4.83 11.58 8.27
CA VAL A 308 -3.92 10.58 7.73
C VAL A 308 -4.32 9.17 8.19
N TYR A 309 -4.70 9.05 9.46
CA TYR A 309 -5.17 7.78 10.02
C TYR A 309 -6.41 7.25 9.31
N ILE A 310 -7.40 8.12 9.15
CA ILE A 310 -8.67 7.74 8.52
C ILE A 310 -8.46 7.40 7.04
N LYS A 311 -7.63 8.19 6.37
CA LYS A 311 -7.30 7.95 4.96
C LYS A 311 -6.75 6.54 4.77
N GLN A 312 -5.72 6.21 5.54
CA GLN A 312 -5.07 4.89 5.41
C GLN A 312 -6.04 3.77 5.77
N LEU A 313 -6.90 4.02 6.75
CA LEU A 313 -7.88 3.02 7.17
C LEU A 313 -8.89 2.78 6.06
N ALA A 314 -9.45 3.87 5.54
CA ALA A 314 -10.43 3.80 4.45
C ALA A 314 -9.81 3.17 3.21
N LYS A 315 -8.58 3.57 2.89
CA LYS A 315 -7.86 3.02 1.75
C LYS A 315 -7.65 1.51 1.91
N THR A 316 -7.37 1.09 3.14
CA THR A 316 -7.22 -0.34 3.46
C THR A 316 -8.54 -1.09 3.30
N ILE A 317 -9.62 -0.49 3.77
CA ILE A 317 -10.94 -1.11 3.66
C ILE A 317 -11.30 -1.32 2.20
N GLY A 318 -11.12 -0.27 1.40
CA GLY A 318 -11.44 -0.32 -0.02
C GLY A 318 -10.66 -1.40 -0.76
N GLY A 319 -9.37 -1.49 -0.48
CA GLY A 319 -8.53 -2.49 -1.13
C GLY A 319 -9.00 -3.90 -0.80
N LEU A 320 -9.31 -4.13 0.47
CA LEU A 320 -9.77 -5.44 0.91
C LEU A 320 -11.13 -5.80 0.34
N MET A 321 -12.01 -4.81 0.21
CA MET A 321 -13.35 -5.03 -0.35
C MET A 321 -13.28 -5.55 -1.79
N VAL A 322 -12.34 -5.00 -2.56
CA VAL A 322 -12.15 -5.44 -3.94
C VAL A 322 -11.54 -6.84 -4.03
N GLU A 323 -10.61 -7.13 -3.12
CA GLU A 323 -10.00 -8.47 -3.05
C GLU A 323 -11.01 -9.57 -2.79
N ILE A 324 -11.91 -9.34 -1.84
CA ILE A 324 -12.89 -10.35 -1.44
C ILE A 324 -14.16 -10.31 -2.29
N GLY A 325 -14.26 -9.33 -3.19
CA GLY A 325 -15.38 -9.25 -4.11
C GLY A 325 -16.69 -8.77 -3.53
N GLY A 326 -16.63 -7.92 -2.50
CA GLY A 326 -17.84 -7.36 -1.92
C GLY A 326 -17.75 -7.04 -0.45
N LEU A 327 -18.88 -6.69 0.15
CA LEU A 327 -18.94 -6.36 1.58
C LEU A 327 -20.37 -6.43 2.09
N ASP A 328 -20.59 -7.25 3.11
CA ASP A 328 -21.90 -7.37 3.74
C ASP A 328 -21.88 -6.73 5.13
N LEU A 329 -20.75 -6.90 5.82
CA LEU A 329 -20.64 -6.45 7.19
C LEU A 329 -19.27 -5.87 7.50
N LEU A 330 -19.26 -4.64 7.99
CA LEU A 330 -18.03 -4.02 8.50
C LEU A 330 -18.05 -4.14 10.01
N VAL A 331 -17.00 -4.72 10.59
CA VAL A 331 -16.94 -4.93 12.03
C VAL A 331 -15.80 -4.16 12.67
N PHE A 332 -16.08 -3.47 13.78
CA PHE A 332 -15.05 -2.82 14.56
C PHE A 332 -14.84 -3.60 15.85
N THR A 333 -13.58 -3.71 16.28
CA THR A 333 -13.28 -4.45 17.49
C THR A 333 -12.04 -3.89 18.17
N ASP A 334 -11.74 -4.39 19.37
CA ASP A 334 -10.64 -3.86 20.16
C ASP A 334 -11.08 -2.70 21.04
N GLN A 335 -10.11 -1.87 21.45
CA GLN A 335 -10.40 -0.70 22.30
C GLN A 335 -10.88 0.48 21.45
N MET A 336 -10.09 0.86 20.44
CA MET A 336 -10.44 1.96 19.57
C MET A 336 -11.71 1.68 18.78
N GLY A 337 -11.80 0.48 18.23
CA GLY A 337 -12.95 0.06 17.46
C GLY A 337 -14.22 0.07 18.29
N LEU A 338 -14.09 -0.28 19.56
CA LEU A 338 -15.25 -0.41 20.44
C LEU A 338 -15.53 0.79 21.35
N GLU A 339 -14.62 1.75 21.42
CA GLU A 339 -14.84 2.88 22.33
C GLU A 339 -14.71 4.29 21.71
N VAL A 340 -14.33 4.39 20.45
CA VAL A 340 -14.21 5.69 19.80
C VAL A 340 -15.19 5.83 18.63
N TRP A 341 -16.30 6.52 18.86
CA TRP A 341 -17.35 6.65 17.84
C TRP A 341 -16.95 7.55 16.66
N GLN A 342 -16.05 8.50 16.90
CA GLN A 342 -15.61 9.41 15.84
C GLN A 342 -14.91 8.67 14.71
N VAL A 343 -14.10 7.66 15.04
CA VAL A 343 -13.42 6.86 14.04
C VAL A 343 -14.42 6.13 13.16
N ARG A 344 -15.39 5.47 13.80
CA ARG A 344 -16.45 4.75 13.09
C ARG A 344 -17.29 5.69 12.23
N LYS A 345 -17.56 6.88 12.75
CA LYS A 345 -18.35 7.87 12.02
C LYS A 345 -17.60 8.36 10.78
N ALA A 346 -16.35 8.75 10.97
CA ALA A 346 -15.54 9.25 9.87
C ALA A 346 -15.38 8.20 8.77
N ILE A 347 -15.15 6.96 9.17
CA ILE A 347 -14.98 5.86 8.22
C ILE A 347 -16.27 5.61 7.43
N CYS A 348 -17.40 5.52 8.12
CA CYS A 348 -18.69 5.27 7.46
C CYS A 348 -19.10 6.41 6.52
N ASP A 349 -18.65 7.62 6.81
CA ASP A 349 -18.93 8.77 5.94
C ASP A 349 -18.23 8.60 4.60
N LYS A 350 -16.98 8.11 4.64
CA LYS A 350 -16.21 7.91 3.42
C LYS A 350 -16.71 6.70 2.64
N MET A 351 -17.42 5.81 3.33
CA MET A 351 -17.96 4.60 2.70
C MET A 351 -19.47 4.68 2.49
N LYS A 352 -20.03 5.86 2.67
CA LYS A 352 -21.46 6.10 2.50
C LYS A 352 -21.94 5.79 1.07
N PHE A 353 -21.12 6.09 0.07
CA PHE A 353 -21.50 5.87 -1.33
C PHE A 353 -21.63 4.38 -1.67
N LEU A 354 -21.13 3.52 -0.80
CA LEU A 354 -21.22 2.07 -1.02
C LEU A 354 -22.51 1.52 -0.42
N GLY A 355 -23.29 2.40 0.20
CA GLY A 355 -24.54 1.99 0.82
C GLY A 355 -24.43 1.74 2.32
N ILE A 356 -23.88 2.72 3.03
CA ILE A 356 -23.80 2.64 4.49
C ILE A 356 -24.58 3.78 5.13
N GLU A 357 -25.73 3.45 5.70
CA GLU A 357 -26.58 4.43 6.36
C GLU A 357 -26.52 4.20 7.87
N LEU A 358 -25.69 4.99 8.54
CA LEU A 358 -25.42 4.80 9.97
C LEU A 358 -26.51 5.43 10.84
N ASP A 359 -26.70 4.87 12.04
CA ASP A 359 -27.56 5.49 13.05
C ASP A 359 -26.66 6.22 14.03
N ASP A 360 -26.68 7.55 13.98
CA ASP A 360 -25.74 8.36 14.76
C ASP A 360 -26.09 8.43 16.25
N SER A 361 -27.36 8.25 16.58
CA SER A 361 -27.76 8.17 17.99
C SER A 361 -27.11 6.96 18.65
N LEU A 362 -27.20 5.82 17.98
CA LEU A 362 -26.67 4.57 18.50
C LEU A 362 -25.14 4.55 18.48
N ASN A 363 -24.55 5.05 17.40
CA ASN A 363 -23.10 5.07 17.26
C ASN A 363 -22.40 5.90 18.35
N GLU A 364 -22.93 7.11 18.59
CA GLU A 364 -22.31 8.05 19.53
C GLU A 364 -22.38 7.58 20.98
N LYS A 365 -23.25 6.62 21.27
CA LYS A 365 -23.41 6.13 22.65
C LYS A 365 -22.78 4.75 22.87
N SER A 366 -22.51 4.03 21.79
CA SER A 366 -22.00 2.66 21.90
C SER A 366 -20.55 2.61 22.36
N MET A 367 -20.28 1.73 23.33
CA MET A 367 -18.93 1.47 23.80
C MET A 367 -18.59 0.00 23.60
N GLY A 368 -19.37 -0.67 22.76
CA GLY A 368 -19.11 -2.04 22.37
C GLY A 368 -18.90 -3.05 23.50
N LYS A 369 -19.77 -3.02 24.51
CA LYS A 369 -19.71 -4.02 25.57
C LYS A 369 -20.45 -5.27 25.15
N LYS A 370 -21.28 -5.13 24.12
CA LYS A 370 -22.00 -6.25 23.53
C LYS A 370 -22.06 -6.07 22.01
N ILE A 371 -22.29 -7.17 21.29
CA ILE A 371 -22.47 -7.11 19.84
C ILE A 371 -23.65 -6.21 19.50
N GLU A 372 -23.38 -5.09 18.83
CA GLU A 372 -24.41 -4.12 18.55
C GLU A 372 -24.28 -3.54 17.15
N PHE A 373 -25.35 -3.64 16.36
CA PHE A 373 -25.39 -3.03 15.05
C PHE A 373 -25.70 -1.55 15.15
N LEU A 374 -24.92 -0.74 14.43
CA LEU A 374 -25.07 0.71 14.48
C LEU A 374 -25.62 1.24 13.16
N THR A 375 -26.00 0.33 12.32
CA THR A 375 -26.49 0.61 11.03
C THR A 375 -28.04 0.50 11.03
N MET A 376 -28.75 1.35 10.28
CA MET A 376 -30.17 1.11 10.08
C MET A 376 -30.32 -0.27 9.45
N PRO A 377 -31.39 -0.99 9.80
CA PRO A 377 -31.61 -2.32 9.23
C PRO A 377 -31.83 -2.28 7.71
N SER A 378 -32.13 -1.10 7.18
CA SER A 378 -32.35 -0.93 5.74
C SER A 378 -31.05 -0.73 4.96
N SER A 379 -29.97 -0.43 5.68
CA SER A 379 -28.68 -0.15 5.06
C SER A 379 -28.12 -1.36 4.30
N LYS A 380 -27.66 -1.12 3.08
CA LYS A 380 -27.10 -2.19 2.23
C LYS A 380 -25.92 -2.90 2.90
N VAL A 381 -24.99 -2.11 3.44
CA VAL A 381 -23.87 -2.65 4.19
C VAL A 381 -24.12 -2.43 5.68
N GLN A 382 -24.07 -3.51 6.46
CA GLN A 382 -24.26 -3.38 7.89
C GLN A 382 -22.94 -3.05 8.60
N VAL A 383 -23.02 -2.29 9.68
CA VAL A 383 -21.86 -1.93 10.48
C VAL A 383 -22.14 -2.39 11.90
N CYS A 384 -21.20 -3.10 12.50
CA CYS A 384 -21.40 -3.56 13.88
C CYS A 384 -20.14 -3.41 14.71
N VAL A 385 -20.32 -3.55 16.02
CA VAL A 385 -19.23 -3.50 16.96
C VAL A 385 -19.25 -4.85 17.70
N ALA A 386 -18.08 -5.40 18.01
CA ALA A 386 -18.02 -6.73 18.61
C ALA A 386 -16.82 -6.88 19.54
N PRO A 387 -17.11 -7.19 20.81
CA PRO A 387 -16.10 -7.32 21.86
C PRO A 387 -15.13 -8.47 21.59
N ASN A 388 -13.88 -8.31 22.03
CA ASN A 388 -12.85 -9.33 21.84
C ASN A 388 -11.94 -9.45 23.05
N ASP A 389 -12.54 -9.58 24.23
CA ASP A 389 -11.79 -9.67 25.48
C ASP A 389 -10.76 -10.80 25.40
N GLU A 390 -9.50 -10.45 25.60
CA GLU A 390 -8.37 -11.37 25.46
C GLU A 390 -8.59 -12.70 26.16
N GLU A 391 -9.06 -12.64 27.40
CA GLU A 391 -9.27 -13.83 28.21
C GLU A 391 -10.33 -14.75 27.60
N LEU A 392 -11.46 -14.16 27.20
CA LEU A 392 -12.53 -14.92 26.56
C LEU A 392 -12.02 -15.51 25.24
N VAL A 393 -11.14 -14.77 24.57
CA VAL A 393 -10.55 -15.22 23.31
C VAL A 393 -9.68 -16.46 23.49
N ILE A 394 -8.77 -16.43 24.47
CA ILE A 394 -7.92 -17.59 24.76
C ILE A 394 -8.76 -18.77 25.22
N LEU A 395 -9.71 -18.51 26.10
CA LEU A 395 -10.62 -19.53 26.61
C LEU A 395 -11.38 -20.21 25.49
N GLN A 396 -11.89 -19.41 24.56
CA GLN A 396 -12.67 -19.91 23.42
C GLN A 396 -11.89 -20.96 22.62
N LYS A 397 -10.60 -20.72 22.44
CA LYS A 397 -9.74 -21.64 21.72
C LYS A 397 -9.59 -22.94 22.50
N GLY A 398 -9.59 -22.83 23.83
CA GLY A 398 -9.54 -23.99 24.70
C GLY A 398 -10.74 -24.89 24.47
N LYS A 399 -11.91 -24.28 24.29
CA LYS A 399 -13.13 -25.02 23.97
C LYS A 399 -12.94 -25.81 22.68
N GLU A 400 -12.46 -25.15 21.63
CA GLU A 400 -12.29 -25.78 20.33
C GLU A 400 -11.33 -26.97 20.38
N LEU A 401 -10.27 -26.84 21.18
CA LEU A 401 -9.22 -27.86 21.24
C LEU A 401 -9.57 -29.03 22.17
N PHE A 402 -10.31 -28.76 23.23
CA PHE A 402 -10.58 -29.77 24.25
C PHE A 402 -12.06 -30.09 24.43
N GLN A 403 -12.92 -29.19 23.98
CA GLN A 403 -14.38 -29.28 24.19
C GLN A 403 -14.78 -29.17 25.67
N PHE A 404 -13.78 -29.21 26.56
CA PHE A 404 -13.97 -29.00 28.00
C PHE A 404 -15.03 -29.91 28.61
N SER B 14 2.62 27.26 -37.63
CA SER B 14 3.70 27.30 -36.65
C SER B 14 4.22 25.90 -36.35
N ASN B 15 5.53 25.73 -36.38
CA ASN B 15 6.15 24.44 -36.10
C ASN B 15 6.59 24.36 -34.65
N VAL B 16 6.42 23.18 -34.05
CA VAL B 16 6.86 22.95 -32.67
C VAL B 16 7.84 21.79 -32.62
N LEU B 17 9.02 22.04 -32.09
CA LEU B 17 10.04 21.01 -31.94
C LEU B 17 9.91 20.34 -30.56
N ILE B 18 9.68 19.02 -30.55
CA ILE B 18 9.63 18.29 -29.29
C ILE B 18 10.85 17.37 -29.15
N PHE B 19 11.59 17.51 -28.06
CA PHE B 19 12.73 16.64 -27.79
C PHE B 19 12.33 15.49 -26.85
N ASN B 20 12.64 14.27 -27.25
CA ASN B 20 12.42 13.11 -26.40
C ASN B 20 13.75 12.47 -26.03
N VAL B 21 14.23 12.73 -24.82
CA VAL B 21 15.50 12.19 -24.36
C VAL B 21 15.37 10.69 -24.06
N GLY B 22 16.15 9.88 -24.76
CA GLY B 22 16.16 8.45 -24.53
C GLY B 22 17.42 8.00 -23.81
N SER B 23 17.59 6.68 -23.70
CA SER B 23 18.74 6.13 -22.99
C SER B 23 20.02 6.09 -23.84
N SER B 24 19.92 5.54 -25.04
CA SER B 24 21.08 5.42 -25.93
C SER B 24 21.07 6.49 -27.02
N SER B 25 19.95 7.21 -27.15
CA SER B 25 19.83 8.20 -28.21
C SER B 25 18.84 9.31 -27.87
N LEU B 26 18.85 10.36 -28.69
CA LEU B 26 17.86 11.42 -28.60
C LEU B 26 16.96 11.35 -29.82
N THR B 27 15.65 11.42 -29.61
CA THR B 27 14.70 11.49 -30.72
C THR B 27 13.97 12.83 -30.69
N TYR B 28 13.38 13.20 -31.83
CA TYR B 28 12.64 14.46 -31.91
C TYR B 28 11.51 14.36 -32.91
N LYS B 29 10.51 15.24 -32.76
CA LYS B 29 9.46 15.38 -33.74
C LYS B 29 9.13 16.86 -33.91
N VAL B 30 8.69 17.23 -35.11
CA VAL B 30 8.20 18.57 -35.35
C VAL B 30 6.73 18.52 -35.75
N PHE B 31 5.90 19.33 -35.11
CA PHE B 31 4.48 19.34 -35.40
C PHE B 31 4.02 20.63 -36.08
N CYS B 32 3.12 20.48 -37.06
CA CYS B 32 2.42 21.61 -37.65
C CYS B 32 0.94 21.24 -37.75
N SER B 33 0.12 21.88 -36.93
CA SER B 33 -1.31 21.54 -36.81
C SER B 33 -1.52 20.06 -36.52
N ASP B 34 -1.05 19.61 -35.37
CA ASP B 34 -1.24 18.24 -34.89
C ASP B 34 -0.69 17.14 -35.82
N ASN B 35 0.14 17.52 -36.78
CA ASN B 35 0.75 16.54 -37.68
C ASN B 35 2.28 16.65 -37.72
N ILE B 36 2.93 15.50 -37.90
CA ILE B 36 4.39 15.43 -37.95
C ILE B 36 4.92 15.79 -39.34
N VAL B 37 5.85 16.73 -39.39
CA VAL B 37 6.45 17.16 -40.66
C VAL B 37 7.90 16.71 -40.75
N CYS B 38 8.52 16.51 -39.59
CA CYS B 38 9.91 16.04 -39.53
C CYS B 38 10.12 15.30 -38.21
N SER B 39 10.99 14.28 -38.25
CA SER B 39 11.32 13.49 -37.07
C SER B 39 12.68 12.81 -37.26
N GLY B 40 13.29 12.37 -36.17
CA GLY B 40 14.60 11.75 -36.28
C GLY B 40 15.11 11.10 -35.02
N LYS B 41 16.15 10.27 -35.18
CA LYS B 41 16.79 9.60 -34.06
C LYS B 41 18.30 9.68 -34.24
N SER B 42 19.02 9.98 -33.17
CA SER B 42 20.47 10.05 -33.22
C SER B 42 21.07 8.68 -32.96
N ASN B 43 22.37 8.54 -33.25
CA ASN B 43 23.11 7.32 -32.96
C ASN B 43 22.48 6.04 -33.52
N ARG B 44 22.10 6.06 -34.80
CA ARG B 44 21.51 4.89 -35.44
C ARG B 44 22.57 3.97 -36.02
N VAL B 45 22.33 2.66 -35.98
CA VAL B 45 23.28 1.70 -36.52
C VAL B 45 22.60 0.68 -37.43
N ASN B 46 23.19 0.45 -38.60
CA ASN B 46 22.77 -0.63 -39.47
C ASN B 46 23.72 -1.81 -39.31
N VAL B 47 23.16 -2.98 -39.01
CA VAL B 47 23.96 -4.19 -38.80
C VAL B 47 24.53 -4.70 -40.14
N THR B 48 23.92 -4.27 -41.24
CA THR B 48 24.42 -4.60 -42.58
C THR B 48 24.96 -3.39 -43.33
N GLY B 49 24.59 -2.20 -42.88
CA GLY B 49 25.13 -0.99 -43.47
C GLY B 49 26.60 -0.81 -43.15
N THR B 50 27.47 -1.13 -44.12
CA THR B 50 28.91 -0.97 -43.97
C THR B 50 29.21 0.51 -43.79
N GLU B 51 29.11 0.99 -42.56
CA GLU B 51 28.89 2.41 -42.33
C GLU B 51 29.15 2.84 -40.88
N LYS B 52 28.95 4.12 -40.61
CA LYS B 52 29.17 4.73 -39.30
C LYS B 52 27.84 4.94 -38.58
N PRO B 53 27.87 5.32 -37.29
CA PRO B 53 26.60 5.71 -36.67
C PRO B 53 26.12 7.03 -37.26
N PHE B 54 24.81 7.25 -37.25
CA PHE B 54 24.25 8.41 -37.94
C PHE B 54 22.93 8.86 -37.34
N ILE B 55 22.55 10.10 -37.64
CA ILE B 55 21.21 10.57 -37.33
C ILE B 55 20.31 10.28 -38.54
N GLU B 56 19.20 9.61 -38.30
CA GLU B 56 18.26 9.33 -39.38
C GLU B 56 17.12 10.35 -39.35
N HIS B 57 17.00 11.13 -40.41
CA HIS B 57 15.93 12.12 -40.49
C HIS B 57 14.81 11.66 -41.42
N HIS B 58 13.57 11.81 -40.95
CA HIS B 58 12.41 11.55 -41.78
C HIS B 58 11.74 12.89 -42.07
N LEU B 59 11.77 13.29 -43.35
CA LEU B 59 11.32 14.61 -43.77
C LEU B 59 10.51 14.52 -45.05
N ASN B 60 9.23 14.88 -44.95
CA ASN B 60 8.31 14.82 -46.08
C ASN B 60 8.37 13.47 -46.79
N GLY B 61 9.18 13.41 -47.83
CA GLY B 61 9.35 12.19 -48.61
C GLY B 61 10.00 11.01 -47.90
N GLN B 62 11.28 11.13 -47.53
CA GLN B 62 12.00 9.94 -47.07
C GLN B 62 13.09 10.11 -46.01
N ILE B 63 14.10 9.24 -46.11
CA ILE B 63 15.13 9.06 -45.09
C ILE B 63 16.42 9.79 -45.44
N ILE B 64 16.89 10.64 -44.53
CA ILE B 64 18.15 11.37 -44.71
C ILE B 64 19.13 11.00 -43.59
N LYS B 65 20.27 10.45 -43.98
CA LYS B 65 21.25 9.97 -43.01
C LYS B 65 22.52 10.82 -43.01
N ILE B 66 22.80 11.42 -41.87
CA ILE B 66 24.02 12.20 -41.69
C ILE B 66 24.96 11.43 -40.76
N GLU B 67 26.09 10.98 -41.30
CA GLU B 67 27.04 10.22 -40.49
C GLU B 67 27.64 11.10 -39.40
N THR B 68 27.76 10.53 -38.21
CA THR B 68 28.18 11.27 -37.03
C THR B 68 29.06 10.39 -36.15
N PRO B 69 29.86 11.01 -35.29
CA PRO B 69 30.48 10.23 -34.21
C PRO B 69 29.38 9.82 -33.24
N ILE B 70 29.70 9.00 -32.25
CA ILE B 70 28.72 8.73 -31.20
C ILE B 70 28.46 10.04 -30.45
N LEU B 71 27.19 10.41 -30.32
CA LEU B 71 26.83 11.71 -29.77
C LEU B 71 26.14 11.57 -28.41
N ASN B 72 26.45 12.49 -27.50
CA ASN B 72 25.60 12.62 -26.31
C ASN B 72 24.32 13.34 -26.69
N HIS B 73 23.48 13.65 -25.71
CA HIS B 73 22.20 14.29 -26.01
C HIS B 73 22.30 15.75 -26.50
N PRO B 74 23.01 16.62 -25.74
CA PRO B 74 23.08 18.02 -26.23
C PRO B 74 23.80 18.19 -27.58
N GLN B 75 24.79 17.34 -27.86
CA GLN B 75 25.47 17.37 -29.16
C GLN B 75 24.51 17.00 -30.28
N ALA B 76 23.71 15.96 -30.04
CA ALA B 76 22.70 15.55 -31.01
C ALA B 76 21.67 16.66 -31.19
N ALA B 77 21.26 17.28 -30.09
CA ALA B 77 20.28 18.37 -30.12
C ALA B 77 20.73 19.49 -31.04
N LYS B 78 21.98 19.93 -30.86
CA LYS B 78 22.57 20.97 -31.70
C LYS B 78 22.55 20.61 -33.19
N LEU B 79 23.00 19.40 -33.50
CA LEU B 79 23.07 18.95 -34.88
C LEU B 79 21.68 18.77 -35.49
N ILE B 80 20.70 18.42 -34.66
CA ILE B 80 19.31 18.32 -35.08
C ILE B 80 18.77 19.70 -35.48
N ILE B 81 18.97 20.67 -34.59
CA ILE B 81 18.58 22.05 -34.81
C ILE B 81 19.24 22.62 -36.07
N GLN B 82 20.50 22.28 -36.26
CA GLN B 82 21.25 22.70 -37.44
C GLN B 82 20.66 22.11 -38.72
N PHE B 83 20.27 20.84 -38.68
CA PHE B 83 19.67 20.17 -39.82
C PHE B 83 18.38 20.85 -40.25
N LEU B 84 17.57 21.23 -39.27
CA LEU B 84 16.26 21.84 -39.54
C LEU B 84 16.42 23.22 -40.18
N LYS B 85 17.43 23.96 -39.73
CA LYS B 85 17.75 25.27 -40.31
C LYS B 85 18.18 25.11 -41.77
N GLU B 86 19.07 24.16 -42.02
CA GLU B 86 19.58 23.92 -43.36
C GLU B 86 18.51 23.42 -44.34
N ASN B 87 17.46 22.81 -43.81
CA ASN B 87 16.35 22.35 -44.65
C ASN B 87 15.10 23.22 -44.54
N HIS B 88 15.27 24.44 -44.02
CA HIS B 88 14.20 25.44 -43.99
C HIS B 88 12.95 25.02 -43.23
N ILE B 89 13.15 24.31 -42.11
CA ILE B 89 12.09 24.08 -41.14
C ILE B 89 12.25 25.11 -40.03
N SER B 90 11.46 26.18 -40.09
CA SER B 90 11.53 27.22 -39.05
C SER B 90 10.75 26.78 -37.81
N ILE B 91 11.26 27.15 -36.64
CA ILE B 91 10.74 26.64 -35.38
C ILE B 91 10.26 27.78 -34.46
N ALA B 92 8.99 27.71 -34.07
CA ALA B 92 8.38 28.76 -33.24
C ALA B 92 8.39 28.39 -31.76
N PHE B 93 8.39 27.10 -31.46
CA PHE B 93 8.36 26.63 -30.09
C PHE B 93 9.16 25.34 -29.88
N VAL B 94 9.79 25.21 -28.71
CA VAL B 94 10.48 23.98 -28.34
C VAL B 94 9.91 23.43 -27.04
N GLY B 95 9.49 22.17 -27.07
CA GLY B 95 8.97 21.52 -25.87
C GLY B 95 9.97 20.56 -25.28
N HIS B 96 10.07 20.55 -23.95
CA HIS B 96 10.99 19.66 -23.25
C HIS B 96 10.25 18.90 -22.14
N ARG B 97 10.83 17.79 -21.72
CA ARG B 97 10.21 16.97 -20.69
C ARG B 97 11.15 16.78 -19.49
N PHE B 98 10.68 17.17 -18.31
CA PHE B 98 11.48 17.06 -17.08
C PHE B 98 10.74 16.14 -16.12
N VAL B 99 11.42 15.08 -15.69
CA VAL B 99 10.79 14.04 -14.87
C VAL B 99 10.35 14.51 -13.49
N HIS B 100 11.27 15.13 -12.75
CA HIS B 100 11.03 15.46 -11.35
C HIS B 100 11.34 16.92 -11.04
N GLY B 101 10.27 17.71 -10.80
CA GLY B 101 10.42 19.14 -10.58
C GLY B 101 10.47 19.55 -9.11
N GLY B 102 10.38 18.57 -8.21
CA GLY B 102 10.47 18.83 -6.80
C GLY B 102 9.37 19.72 -6.24
N SER B 103 9.69 20.47 -5.19
CA SER B 103 8.72 21.29 -4.48
C SER B 103 8.30 22.55 -5.25
N TYR B 104 9.23 23.13 -6.00
CA TYR B 104 8.98 24.41 -6.68
C TYR B 104 7.94 24.33 -7.80
N PHE B 105 8.04 23.32 -8.64
CA PHE B 105 7.18 23.23 -9.81
C PHE B 105 5.80 22.62 -9.54
N LYS B 106 4.81 23.49 -9.30
CA LYS B 106 3.42 23.08 -9.18
C LYS B 106 2.77 23.15 -10.56
N LYS B 107 3.44 23.84 -11.47
CA LYS B 107 2.97 23.94 -12.85
C LYS B 107 4.13 23.73 -13.82
N SER B 108 3.84 23.18 -14.98
CA SER B 108 4.80 23.20 -16.09
C SER B 108 5.02 24.67 -16.43
N ALA B 109 6.13 24.99 -17.09
CA ALA B 109 6.48 26.40 -17.23
C ALA B 109 7.13 26.78 -18.55
N VAL B 110 6.89 28.01 -18.97
CA VAL B 110 7.68 28.64 -20.02
C VAL B 110 9.06 28.86 -19.40
N ILE B 111 10.12 28.64 -20.18
CA ILE B 111 11.47 28.69 -19.64
C ILE B 111 12.08 30.10 -19.62
N ASP B 112 12.44 30.55 -18.42
CA ASP B 112 13.18 31.80 -18.25
C ASP B 112 14.42 31.56 -17.40
N GLU B 113 15.01 32.63 -16.86
CA GLU B 113 16.20 32.53 -16.03
C GLU B 113 15.90 31.89 -14.67
N VAL B 114 14.74 32.24 -14.10
CA VAL B 114 14.31 31.67 -12.82
C VAL B 114 14.05 30.16 -12.95
N VAL B 115 13.27 29.79 -13.97
CA VAL B 115 12.96 28.38 -14.25
C VAL B 115 14.24 27.54 -14.42
N LEU B 116 15.17 28.02 -15.22
CA LEU B 116 16.45 27.34 -15.42
C LEU B 116 17.21 27.15 -14.10
N LYS B 117 17.18 28.18 -13.26
CA LYS B 117 17.83 28.11 -11.96
C LYS B 117 17.16 27.06 -11.06
N GLU B 118 15.83 27.00 -11.11
CA GLU B 118 15.08 26.05 -10.29
C GLU B 118 15.19 24.62 -10.82
N LEU B 119 15.27 24.47 -12.13
CA LEU B 119 15.47 23.16 -12.75
C LEU B 119 16.83 22.58 -12.34
N LYS B 120 17.83 23.46 -12.25
CA LYS B 120 19.18 23.07 -11.87
C LYS B 120 19.24 22.44 -10.48
N GLU B 121 18.42 22.95 -9.57
CA GLU B 121 18.41 22.45 -8.19
C GLU B 121 17.70 21.11 -8.07
N CYS B 122 17.00 20.72 -9.13
CA CYS B 122 16.24 19.46 -9.14
C CYS B 122 17.06 18.30 -9.71
N LEU B 123 18.29 18.57 -10.12
CA LEU B 123 19.15 17.52 -10.69
C LEU B 123 19.34 16.28 -9.80
N PRO B 124 19.68 16.47 -8.50
CA PRO B 124 19.86 15.26 -7.67
C PRO B 124 18.58 14.44 -7.46
N LEU B 125 17.42 15.01 -7.79
CA LEU B 125 16.16 14.29 -7.65
C LEU B 125 16.12 13.06 -8.56
N ALA B 126 16.72 13.20 -9.75
CA ALA B 126 16.77 12.13 -10.72
C ALA B 126 18.06 12.26 -11.53
N PRO B 127 19.16 11.82 -10.92
CA PRO B 127 20.50 12.02 -11.48
C PRO B 127 20.61 11.65 -12.95
N ILE B 128 19.91 10.60 -13.37
CA ILE B 128 20.03 10.13 -14.74
C ILE B 128 19.20 10.98 -15.71
N HIS B 129 17.88 11.04 -15.46
CA HIS B 129 16.96 11.71 -16.38
C HIS B 129 16.98 13.24 -16.34
N ASN B 130 16.96 13.81 -15.14
CA ASN B 130 16.99 15.27 -14.99
C ASN B 130 18.18 16.00 -15.64
N PRO B 131 19.42 15.53 -15.42
CA PRO B 131 20.55 16.20 -16.09
C PRO B 131 20.54 16.03 -17.61
N SER B 132 20.15 14.86 -18.11
CA SER B 132 20.05 14.64 -19.56
C SER B 132 19.09 15.63 -20.22
N SER B 133 17.89 15.74 -19.66
CA SER B 133 16.90 16.69 -20.16
C SER B 133 17.36 18.13 -19.95
N PHE B 134 18.11 18.38 -18.87
CA PHE B 134 18.60 19.72 -18.59
C PHE B 134 19.63 20.16 -19.62
N GLY B 135 20.59 19.28 -19.91
CA GLY B 135 21.65 19.57 -20.87
C GLY B 135 21.08 19.93 -22.23
N VAL B 136 20.05 19.21 -22.64
CA VAL B 136 19.38 19.48 -23.91
C VAL B 136 18.67 20.82 -23.87
N ILE B 137 18.03 21.13 -22.74
CA ILE B 137 17.37 22.43 -22.56
C ILE B 137 18.36 23.60 -22.66
N GLU B 138 19.49 23.48 -21.97
CA GLU B 138 20.51 24.54 -22.00
C GLU B 138 21.07 24.80 -23.40
N ILE B 139 21.38 23.75 -24.14
CA ILE B 139 21.90 23.91 -25.49
C ILE B 139 20.81 24.40 -26.45
N SER B 140 19.57 24.06 -26.14
CA SER B 140 18.43 24.42 -27.00
C SER B 140 18.13 25.92 -26.88
N MET B 141 18.24 26.43 -25.66
CA MET B 141 18.04 27.86 -25.42
C MET B 141 19.12 28.68 -26.11
N LYS B 142 20.30 28.10 -26.27
CA LYS B 142 21.43 28.82 -26.85
C LYS B 142 21.39 28.86 -28.37
N GLU B 143 21.05 27.74 -28.99
CA GLU B 143 20.99 27.65 -30.44
C GLU B 143 19.72 28.28 -31.02
N LEU B 144 18.67 28.33 -30.20
CA LEU B 144 17.43 29.00 -30.59
C LEU B 144 17.00 30.02 -29.53
N PRO B 145 17.79 31.10 -29.35
CA PRO B 145 17.56 32.04 -28.25
C PRO B 145 16.44 33.03 -28.51
N THR B 146 15.92 33.07 -29.73
CA THR B 146 14.78 33.92 -30.05
C THR B 146 13.52 33.07 -30.23
N THR B 147 13.50 31.91 -29.58
CA THR B 147 12.40 30.97 -29.71
C THR B 147 11.83 30.60 -28.34
N ARG B 148 10.51 30.78 -28.19
CA ARG B 148 9.83 30.46 -26.95
C ARG B 148 9.97 28.96 -26.67
N GLN B 149 10.36 28.62 -25.44
CA GLN B 149 10.53 27.22 -25.05
C GLN B 149 9.85 26.95 -23.73
N TYR B 150 9.37 25.72 -23.55
CA TYR B 150 8.66 25.33 -22.33
C TYR B 150 9.11 23.96 -21.84
N VAL B 151 9.01 23.77 -20.53
CA VAL B 151 9.33 22.48 -19.93
C VAL B 151 8.09 21.86 -19.30
N ALA B 152 7.73 20.67 -19.78
CA ALA B 152 6.60 19.93 -19.22
C ALA B 152 7.08 19.11 -18.03
N ILE B 153 6.58 19.42 -16.83
CA ILE B 153 7.03 18.75 -15.62
C ILE B 153 6.12 17.59 -15.21
N ASP B 154 6.70 16.40 -15.08
CA ASP B 154 5.93 15.18 -14.85
C ASP B 154 5.32 15.10 -13.45
N THR B 155 5.75 15.97 -12.54
CA THR B 155 5.28 15.94 -11.16
C THR B 155 4.25 17.03 -10.85
N ALA B 156 4.10 17.99 -11.77
CA ALA B 156 3.27 19.18 -11.53
C ALA B 156 1.78 18.92 -11.36
N PHE B 157 1.23 17.97 -12.14
CA PHE B 157 -0.21 17.66 -12.10
C PHE B 157 -0.67 17.29 -10.70
N HIS B 158 0.24 16.74 -9.91
CA HIS B 158 -0.09 16.25 -8.58
C HIS B 158 0.07 17.30 -7.48
N SER B 159 0.22 18.56 -7.87
CA SER B 159 0.37 19.66 -6.91
C SER B 159 -0.94 19.91 -6.15
N THR B 160 -2.05 19.42 -6.69
CA THR B 160 -3.36 19.62 -6.07
C THR B 160 -3.66 18.60 -4.97
N ILE B 161 -2.79 17.61 -4.83
CA ILE B 161 -2.93 16.62 -3.76
C ILE B 161 -2.73 17.30 -2.40
N SER B 162 -3.68 17.12 -1.49
CA SER B 162 -3.63 17.79 -0.19
C SER B 162 -2.59 17.19 0.75
N GLN B 163 -2.23 17.94 1.79
CA GLN B 163 -1.18 17.54 2.72
C GLN B 163 -1.40 16.16 3.33
N ALA B 164 -2.62 15.90 3.75
CA ALA B 164 -2.96 14.62 4.39
C ALA B 164 -2.70 13.42 3.46
N GLU B 165 -2.82 13.65 2.16
CA GLU B 165 -2.64 12.59 1.17
C GLU B 165 -1.18 12.47 0.75
N ARG B 166 -0.40 13.52 0.98
CA ARG B 166 1.02 13.53 0.63
C ARG B 166 1.89 13.12 1.81
N THR B 167 1.27 12.99 2.98
CA THR B 167 2.01 12.82 4.24
C THR B 167 2.06 11.38 4.73
N TYR B 168 3.27 10.88 4.97
CA TYR B 168 3.44 9.57 5.58
C TYR B 168 3.45 9.69 7.11
N ALA B 169 2.89 8.69 7.78
CA ALA B 169 2.74 8.73 9.23
C ALA B 169 4.07 8.56 9.98
N ILE B 170 5.02 9.47 9.71
CA ILE B 170 6.33 9.48 10.37
C ILE B 170 6.58 10.85 11.01
N PRO B 171 7.51 10.92 12.00
CA PRO B 171 7.66 12.21 12.66
C PRO B 171 8.60 13.15 11.91
N GLN B 172 8.57 14.44 12.27
CA GLN B 172 9.53 15.40 11.75
C GLN B 172 10.93 15.03 12.27
N PRO B 173 11.98 15.36 11.50
CA PRO B 173 11.97 16.11 10.24
C PRO B 173 11.80 15.23 9.01
N TYR B 174 11.76 13.92 9.20
CA TYR B 174 11.67 12.99 8.07
C TYR B 174 10.36 13.17 7.30
N GLN B 175 9.29 13.48 8.03
CA GLN B 175 7.96 13.65 7.46
C GLN B 175 7.93 14.68 6.32
N SER B 176 8.65 15.78 6.51
CA SER B 176 8.71 16.84 5.49
C SER B 176 9.77 16.58 4.43
N GLN B 177 10.74 15.72 4.74
CA GLN B 177 11.78 15.38 3.79
C GLN B 177 11.28 14.34 2.77
N TYR B 178 10.21 13.63 3.14
CA TYR B 178 9.74 12.51 2.34
C TYR B 178 8.26 12.60 2.02
N LEU B 179 7.82 13.78 1.60
CA LEU B 179 6.44 13.96 1.16
C LEU B 179 6.21 13.21 -0.15
N LYS B 180 4.98 12.80 -0.39
CA LYS B 180 4.62 12.14 -1.64
C LYS B 180 4.63 13.15 -2.78
N PHE B 181 5.12 12.73 -3.94
CA PHE B 181 5.09 13.57 -5.14
C PHE B 181 4.08 13.02 -6.16
N GLY B 182 4.36 11.82 -6.67
CA GLY B 182 3.52 11.25 -7.72
C GLY B 182 4.11 11.54 -9.08
N PHE B 183 3.95 10.63 -10.03
CA PHE B 183 4.57 10.80 -11.34
C PHE B 183 3.57 10.45 -12.45
N HIS B 184 4.06 10.36 -13.70
CA HIS B 184 3.19 10.17 -14.86
C HIS B 184 2.15 11.28 -14.96
N GLY B 185 2.45 12.44 -14.37
CA GLY B 185 1.51 13.55 -14.30
C GLY B 185 1.07 14.06 -15.66
N LEU B 186 2.02 14.13 -16.59
CA LEU B 186 1.76 14.62 -17.94
C LEU B 186 0.83 13.68 -18.71
N SER B 187 1.03 12.38 -18.54
CA SER B 187 0.17 11.37 -19.12
C SER B 187 -1.27 11.51 -18.62
N TYR B 188 -1.41 11.69 -17.30
CA TYR B 188 -2.72 11.84 -16.68
C TYR B 188 -3.48 13.07 -17.19
N GLU B 189 -2.84 14.23 -17.16
CA GLU B 189 -3.54 15.45 -17.59
C GLU B 189 -3.80 15.48 -19.09
N TYR B 190 -3.01 14.73 -19.85
CA TYR B 190 -3.28 14.58 -21.27
C TYR B 190 -4.54 13.73 -21.49
N VAL B 191 -4.61 12.61 -20.78
CA VAL B 191 -5.77 11.71 -20.89
C VAL B 191 -7.04 12.41 -20.43
N ILE B 192 -6.98 13.05 -19.27
CA ILE B 192 -8.11 13.84 -18.76
C ILE B 192 -8.58 14.87 -19.78
N ASN B 193 -7.64 15.59 -20.37
CA ASN B 193 -7.98 16.62 -21.35
C ASN B 193 -8.64 16.04 -22.61
N SER B 194 -8.18 14.86 -23.02
CA SER B 194 -8.74 14.21 -24.20
C SER B 194 -10.15 13.68 -23.93
N LEU B 195 -10.47 13.52 -22.65
CA LEU B 195 -11.76 12.99 -22.24
C LEU B 195 -12.84 14.07 -22.17
N LYS B 196 -12.43 15.34 -22.20
CA LYS B 196 -13.36 16.46 -22.13
C LYS B 196 -14.26 16.57 -23.36
N ASN B 197 -13.85 15.92 -24.45
CA ASN B 197 -14.65 15.87 -25.66
C ASN B 197 -15.65 14.72 -25.61
N VAL B 198 -15.62 13.96 -24.53
CA VAL B 198 -16.31 12.67 -24.47
C VAL B 198 -17.15 12.48 -23.19
N ILE B 199 -16.72 13.07 -22.09
CA ILE B 199 -17.46 13.03 -20.84
C ILE B 199 -17.45 14.36 -20.10
N ASP B 200 -18.34 14.51 -19.13
CA ASP B 200 -18.36 15.69 -18.26
C ASP B 200 -17.31 15.51 -17.16
N VAL B 201 -16.07 15.92 -17.46
CA VAL B 201 -14.95 15.75 -16.53
C VAL B 201 -15.16 16.53 -15.22
N SER B 202 -15.70 17.75 -15.34
CA SER B 202 -15.89 18.62 -14.18
C SER B 202 -16.87 18.08 -13.13
N HIS B 203 -17.61 17.04 -13.48
CA HIS B 203 -18.51 16.38 -12.53
C HIS B 203 -18.33 14.88 -12.64
N SER B 204 -17.10 14.41 -12.39
CA SER B 204 -16.75 13.03 -12.61
C SER B 204 -15.77 12.54 -11.56
N LYS B 205 -15.85 11.26 -11.23
CA LYS B 205 -14.86 10.61 -10.40
C LYS B 205 -14.15 9.57 -11.26
N ILE B 206 -12.87 9.83 -11.54
CA ILE B 206 -12.12 9.03 -12.49
C ILE B 206 -10.92 8.39 -11.82
N ILE B 207 -10.71 7.10 -12.09
CA ILE B 207 -9.46 6.45 -11.71
C ILE B 207 -8.74 6.05 -12.98
N ALA B 208 -7.55 6.61 -13.17
CA ALA B 208 -6.74 6.33 -14.36
C ALA B 208 -5.60 5.37 -14.02
N CYS B 209 -5.32 4.44 -14.91
CA CYS B 209 -4.23 3.49 -14.71
C CYS B 209 -3.17 3.63 -15.81
N HIS B 210 -2.03 4.21 -15.45
CA HIS B 210 -0.90 4.31 -16.37
C HIS B 210 -0.11 3.01 -16.25
N LEU B 211 -0.45 2.04 -17.09
CA LEU B 211 0.21 0.74 -17.04
C LEU B 211 1.33 0.69 -18.10
N GLY B 212 2.52 1.11 -17.71
CA GLY B 212 3.61 1.30 -18.64
C GLY B 212 4.61 0.18 -18.74
N THR B 213 5.58 0.34 -19.63
CA THR B 213 6.63 -0.64 -19.82
C THR B 213 7.71 -0.44 -18.76
N GLY B 214 7.79 0.78 -18.26
CA GLY B 214 8.74 1.11 -17.20
C GLY B 214 8.03 1.23 -15.88
N GLY B 215 7.63 2.45 -15.52
CA GLY B 215 6.86 2.66 -14.31
C GLY B 215 5.37 2.46 -14.52
N SER B 216 4.65 2.13 -13.46
CA SER B 216 3.21 2.03 -13.49
C SER B 216 2.60 2.71 -12.27
N SER B 217 1.45 3.35 -12.46
CA SER B 217 0.76 4.01 -11.35
C SER B 217 -0.73 4.15 -11.61
N CYS B 218 -1.49 4.44 -10.56
CA CYS B 218 -2.89 4.80 -10.67
C CYS B 218 -3.11 6.19 -10.10
N CYS B 219 -4.12 6.88 -10.59
CA CYS B 219 -4.43 8.21 -10.08
C CYS B 219 -5.93 8.38 -9.84
N GLY B 220 -6.30 8.84 -8.64
CA GLY B 220 -7.68 9.18 -8.36
C GLY B 220 -7.93 10.62 -8.75
N ILE B 221 -8.87 10.84 -9.66
CA ILE B 221 -9.10 12.17 -10.20
C ILE B 221 -10.52 12.68 -9.95
N VAL B 222 -10.63 13.78 -9.22
CA VAL B 222 -11.93 14.38 -8.91
C VAL B 222 -12.09 15.69 -9.66
N ASN B 223 -13.04 15.70 -10.60
CA ASN B 223 -13.33 16.90 -11.39
C ASN B 223 -12.12 17.45 -12.14
N GLY B 224 -11.31 16.55 -12.71
CA GLY B 224 -10.18 16.95 -13.53
C GLY B 224 -8.88 17.12 -12.78
N LYS B 225 -8.90 16.96 -11.47
CA LYS B 225 -7.72 17.19 -10.64
C LYS B 225 -7.28 15.96 -9.85
N SER B 226 -5.97 15.74 -9.78
CA SER B 226 -5.41 14.65 -9.00
C SER B 226 -5.78 14.80 -7.53
N PHE B 227 -6.43 13.78 -6.96
CA PHE B 227 -6.76 13.78 -5.55
C PHE B 227 -5.72 12.94 -4.79
N ASP B 228 -5.46 11.74 -5.30
CA ASP B 228 -4.36 10.95 -4.77
C ASP B 228 -3.76 10.08 -5.85
N THR B 229 -2.59 9.51 -5.59
CA THR B 229 -1.90 8.72 -6.60
C THR B 229 -1.06 7.60 -5.99
N SER B 230 -0.61 6.69 -6.85
CA SER B 230 -0.03 5.42 -6.41
C SER B 230 1.43 5.50 -5.99
N MET B 231 2.23 6.25 -6.75
CA MET B 231 3.64 6.44 -6.40
C MET B 231 3.74 7.38 -5.20
N GLY B 232 4.91 7.42 -4.56
CA GLY B 232 5.09 8.26 -3.39
C GLY B 232 6.24 9.22 -3.56
N ASN B 233 7.11 9.29 -2.56
CA ASN B 233 8.31 10.10 -2.64
C ASN B 233 9.24 9.61 -3.75
N SER B 234 9.24 8.30 -3.95
CA SER B 234 10.07 7.67 -4.98
C SER B 234 9.22 7.09 -6.09
N THR B 235 9.86 6.68 -7.17
CA THR B 235 9.16 6.09 -8.31
C THR B 235 9.10 4.57 -8.18
N LEU B 236 9.35 4.09 -6.96
CA LEU B 236 9.33 2.65 -6.68
C LEU B 236 8.02 2.21 -6.02
N ALA B 237 7.34 3.17 -5.39
CA ALA B 237 6.13 2.87 -4.63
C ALA B 237 4.91 2.58 -5.51
N GLY B 238 3.95 1.84 -4.96
CA GLY B 238 2.65 1.68 -5.59
C GLY B 238 2.38 0.32 -6.19
N LEU B 239 2.12 0.30 -7.49
CA LEU B 239 1.79 -0.91 -8.22
C LEU B 239 2.99 -1.85 -8.33
N VAL B 240 2.72 -3.14 -8.50
CA VAL B 240 3.74 -4.07 -8.97
C VAL B 240 4.11 -3.62 -10.38
N MET B 241 5.40 -3.50 -10.68
CA MET B 241 5.80 -2.99 -11.99
C MET B 241 6.65 -3.98 -12.78
N SER B 242 7.20 -3.53 -13.90
CA SER B 242 8.02 -4.36 -14.75
C SER B 242 9.23 -4.93 -14.01
N THR B 243 9.96 -4.07 -13.31
CA THR B 243 11.14 -4.48 -12.55
C THR B 243 11.16 -3.92 -11.12
N ARG B 244 10.08 -3.26 -10.72
CA ARG B 244 9.99 -2.67 -9.39
C ARG B 244 9.08 -3.49 -8.49
N CYS B 245 9.29 -3.39 -7.18
CA CYS B 245 8.49 -4.13 -6.22
C CYS B 245 7.13 -3.50 -5.94
N GLY B 246 7.06 -2.17 -5.96
CA GLY B 246 5.86 -1.48 -5.54
C GLY B 246 5.75 -1.47 -4.03
N ASP B 247 4.57 -1.20 -3.49
CA ASP B 247 4.37 -1.19 -2.05
C ASP B 247 4.62 -2.57 -1.42
N ILE B 248 5.56 -2.62 -0.48
CA ILE B 248 5.85 -3.84 0.28
C ILE B 248 5.98 -3.51 1.76
N ASP B 249 6.05 -4.54 2.60
CA ASP B 249 6.27 -4.37 4.03
C ASP B 249 7.56 -3.55 4.26
N PRO B 250 7.41 -2.39 4.93
CA PRO B 250 8.52 -1.43 5.16
C PRO B 250 9.70 -2.04 5.91
N THR B 251 9.47 -3.15 6.62
CA THR B 251 10.52 -3.82 7.36
C THR B 251 11.42 -4.65 6.42
N ILE B 252 10.86 -5.06 5.28
CA ILE B 252 11.59 -5.86 4.31
C ILE B 252 12.90 -5.22 3.79
N PRO B 253 12.84 -3.95 3.35
CA PRO B 253 14.13 -3.36 2.92
C PRO B 253 15.14 -3.34 4.06
N ILE B 254 14.71 -2.94 5.25
CA ILE B 254 15.58 -2.91 6.43
C ILE B 254 16.30 -4.24 6.69
N ASP B 255 15.54 -5.34 6.65
CA ASP B 255 16.11 -6.66 6.86
C ASP B 255 17.03 -7.09 5.72
N MET B 256 16.71 -6.67 4.49
CA MET B 256 17.56 -6.98 3.34
C MET B 256 18.88 -6.22 3.39
N ILE B 257 18.86 -5.01 3.95
CA ILE B 257 20.09 -4.23 4.15
C ILE B 257 21.06 -5.05 5.00
N GLN B 258 20.55 -5.66 6.06
CA GLN B 258 21.34 -6.46 6.98
C GLN B 258 22.03 -7.63 6.29
N GLN B 259 21.36 -8.17 5.26
CA GLN B 259 21.89 -9.29 4.51
C GLN B 259 22.93 -8.87 3.47
N VAL B 260 22.61 -7.87 2.66
CA VAL B 260 23.40 -7.56 1.47
C VAL B 260 23.86 -6.11 1.35
N GLY B 261 23.47 -5.26 2.30
CA GLY B 261 23.88 -3.87 2.28
C GLY B 261 22.93 -2.95 1.53
N ILE B 262 23.14 -1.64 1.68
CA ILE B 262 22.23 -0.62 1.16
C ILE B 262 22.06 -0.60 -0.36
N GLU B 263 23.17 -0.38 -1.07
CA GLU B 263 23.12 -0.19 -2.52
C GLU B 263 22.60 -1.41 -3.29
N LYS B 264 22.92 -2.61 -2.82
CA LYS B 264 22.44 -3.82 -3.46
C LYS B 264 20.92 -3.95 -3.31
N VAL B 265 20.39 -3.57 -2.15
CA VAL B 265 18.95 -3.60 -1.91
C VAL B 265 18.22 -2.66 -2.87
N VAL B 266 18.77 -1.46 -3.04
CA VAL B 266 18.18 -0.48 -3.96
C VAL B 266 18.12 -1.05 -5.38
N ASP B 267 19.19 -1.69 -5.81
CA ASP B 267 19.25 -2.29 -7.13
C ASP B 267 18.22 -3.41 -7.28
N ILE B 268 18.11 -4.25 -6.26
CA ILE B 268 17.18 -5.38 -6.29
C ILE B 268 15.72 -4.93 -6.42
N LEU B 269 15.32 -3.96 -5.59
CA LEU B 269 13.94 -3.48 -5.57
C LEU B 269 13.56 -2.64 -6.79
N ASN B 270 14.55 -2.05 -7.44
CA ASN B 270 14.32 -1.18 -8.60
C ASN B 270 14.48 -1.90 -9.94
N LYS B 271 15.37 -2.87 -10.00
CA LYS B 271 15.79 -3.46 -11.26
C LYS B 271 15.59 -4.98 -11.35
N LYS B 272 15.44 -5.62 -10.19
CA LYS B 272 15.31 -7.07 -10.15
C LYS B 272 14.08 -7.54 -9.38
N SER B 273 13.02 -6.74 -9.39
CA SER B 273 11.77 -7.13 -8.74
C SER B 273 10.57 -7.08 -9.69
N GLY B 274 9.38 -6.85 -9.13
CA GLY B 274 8.16 -6.78 -9.91
C GLY B 274 7.92 -7.99 -10.79
N LEU B 275 7.40 -7.75 -11.98
CA LEU B 275 7.11 -8.82 -12.94
C LEU B 275 8.35 -9.68 -13.22
N LEU B 276 9.50 -9.03 -13.37
CA LEU B 276 10.75 -9.73 -13.66
C LEU B 276 11.14 -10.67 -12.53
N GLY B 277 11.10 -10.16 -11.30
CA GLY B 277 11.54 -10.91 -10.15
C GLY B 277 10.68 -12.11 -9.77
N VAL B 278 9.37 -12.01 -9.98
CA VAL B 278 8.46 -13.09 -9.60
C VAL B 278 8.33 -14.16 -10.69
N SER B 279 8.18 -13.70 -11.93
CA SER B 279 8.05 -14.62 -13.07
C SER B 279 9.34 -15.38 -13.33
N GLU B 280 10.48 -14.74 -13.02
CA GLU B 280 11.81 -15.29 -13.28
C GLU B 280 12.01 -15.56 -14.77
N LEU B 281 11.30 -14.82 -15.60
CA LEU B 281 11.34 -15.01 -17.05
C LEU B 281 11.61 -13.69 -17.80
N SER B 282 10.66 -12.77 -17.72
CA SER B 282 10.74 -11.52 -18.45
C SER B 282 10.16 -10.36 -17.64
N SER B 283 10.52 -9.14 -18.02
CA SER B 283 9.94 -7.94 -17.43
C SER B 283 8.70 -7.52 -18.22
N ASP B 284 8.50 -8.17 -19.36
CA ASP B 284 7.39 -7.83 -20.25
C ASP B 284 6.19 -8.74 -19.98
N MET B 285 5.03 -8.14 -19.71
CA MET B 285 3.81 -8.89 -19.37
C MET B 285 3.38 -9.85 -20.48
N ARG B 286 3.62 -9.45 -21.73
CA ARG B 286 3.19 -10.26 -22.87
C ARG B 286 3.96 -11.58 -22.99
N ASP B 287 5.25 -11.55 -22.67
CA ASP B 287 6.05 -12.77 -22.61
C ASP B 287 5.57 -13.67 -21.48
N ILE B 288 5.18 -13.05 -20.37
CA ILE B 288 4.67 -13.76 -19.20
C ILE B 288 3.37 -14.51 -19.53
N LEU B 289 2.43 -13.80 -20.15
CA LEU B 289 1.17 -14.39 -20.61
C LEU B 289 1.44 -15.51 -21.61
N HIS B 290 2.39 -15.28 -22.50
CA HIS B 290 2.77 -16.25 -23.53
C HIS B 290 3.28 -17.55 -22.90
N GLU B 291 4.14 -17.43 -21.90
CA GLU B 291 4.70 -18.58 -21.21
C GLU B 291 3.61 -19.40 -20.50
N ILE B 292 2.66 -18.70 -19.89
CA ILE B 292 1.54 -19.35 -19.22
C ILE B 292 0.73 -20.17 -20.21
N GLU B 293 0.35 -19.54 -21.32
CA GLU B 293 -0.53 -20.15 -22.31
C GLU B 293 0.14 -21.24 -23.15
N THR B 294 1.45 -21.16 -23.31
CA THR B 294 2.20 -22.21 -24.01
C THR B 294 2.70 -23.26 -23.03
N ARG B 295 2.36 -23.08 -21.75
CA ARG B 295 2.81 -23.96 -20.68
C ARG B 295 4.33 -24.18 -20.68
N GLY B 296 5.08 -23.09 -20.84
CA GLY B 296 6.52 -23.15 -20.81
C GLY B 296 7.04 -23.59 -19.45
N PRO B 297 8.36 -23.79 -19.35
CA PRO B 297 9.01 -24.28 -18.14
C PRO B 297 8.81 -23.37 -16.92
N LYS B 298 8.45 -22.10 -17.15
CA LYS B 298 8.27 -21.14 -16.06
C LYS B 298 6.82 -20.68 -15.90
N ALA B 299 5.88 -21.55 -16.27
CA ALA B 299 4.46 -21.21 -16.22
C ALA B 299 3.95 -20.89 -14.82
N LYS B 300 4.31 -21.72 -13.84
CA LYS B 300 3.89 -21.50 -12.44
C LYS B 300 4.27 -20.13 -11.91
N THR B 301 5.52 -19.74 -12.15
CA THR B 301 6.03 -18.46 -11.67
C THR B 301 5.47 -17.27 -12.46
N CYS B 302 5.22 -17.48 -13.75
CA CYS B 302 4.60 -16.47 -14.57
C CYS B 302 3.14 -16.27 -14.17
N GLN B 303 2.47 -17.36 -13.79
CA GLN B 303 1.10 -17.29 -13.32
C GLN B 303 1.05 -16.56 -11.98
N LEU B 304 2.06 -16.79 -11.14
CA LEU B 304 2.14 -16.13 -9.84
C LEU B 304 2.38 -14.63 -10.03
N ALA B 305 3.28 -14.29 -10.93
CA ALA B 305 3.60 -12.90 -11.23
C ALA B 305 2.36 -12.14 -11.70
N PHE B 306 1.58 -12.76 -12.58
CA PHE B 306 0.35 -12.15 -13.07
C PHE B 306 -0.66 -11.96 -11.94
N ASP B 307 -0.81 -12.98 -11.10
CA ASP B 307 -1.76 -12.93 -9.98
C ASP B 307 -1.40 -11.84 -8.97
N VAL B 308 -0.12 -11.76 -8.63
CA VAL B 308 0.37 -10.76 -7.69
C VAL B 308 0.21 -9.35 -8.28
N TYR B 309 0.52 -9.21 -9.56
CA TYR B 309 0.38 -7.94 -10.27
C TYR B 309 -1.07 -7.45 -10.28
N ILE B 310 -1.99 -8.36 -10.61
CA ILE B 310 -3.41 -8.04 -10.67
C ILE B 310 -3.96 -7.72 -9.27
N LYS B 311 -3.52 -8.48 -8.27
CA LYS B 311 -3.95 -8.28 -6.90
C LYS B 311 -3.62 -6.87 -6.41
N GLN B 312 -2.39 -6.43 -6.67
CA GLN B 312 -1.97 -5.11 -6.23
C GLN B 312 -2.70 -4.00 -6.98
N LEU B 313 -2.93 -4.20 -8.28
CA LEU B 313 -3.65 -3.23 -9.09
C LEU B 313 -5.10 -3.10 -8.63
N ALA B 314 -5.72 -4.24 -8.34
CA ALA B 314 -7.10 -4.26 -7.87
C ALA B 314 -7.22 -3.57 -6.51
N LYS B 315 -6.31 -3.89 -5.60
CA LYS B 315 -6.30 -3.29 -4.27
C LYS B 315 -6.07 -1.77 -4.33
N THR B 316 -5.21 -1.34 -5.25
CA THR B 316 -4.91 0.07 -5.41
C THR B 316 -6.13 0.85 -5.92
N ILE B 317 -6.84 0.27 -6.88
CA ILE B 317 -8.06 0.88 -7.41
C ILE B 317 -9.14 0.96 -6.33
N GLY B 318 -9.31 -0.14 -5.60
CA GLY B 318 -10.26 -0.17 -4.49
C GLY B 318 -9.99 0.92 -3.46
N GLY B 319 -8.72 1.12 -3.11
CA GLY B 319 -8.34 2.12 -2.13
C GLY B 319 -8.60 3.53 -2.61
N LEU B 320 -8.31 3.78 -3.88
CA LEU B 320 -8.47 5.12 -4.46
C LEU B 320 -9.94 5.50 -4.62
N MET B 321 -10.77 4.51 -4.92
CA MET B 321 -12.20 4.70 -5.08
C MET B 321 -12.84 5.24 -3.80
N VAL B 322 -12.49 4.66 -2.67
CA VAL B 322 -12.99 5.09 -1.38
C VAL B 322 -12.50 6.50 -1.05
N GLU B 323 -11.25 6.79 -1.41
CA GLU B 323 -10.66 8.10 -1.15
C GLU B 323 -11.37 9.23 -1.88
N ILE B 324 -11.71 9.00 -3.15
CA ILE B 324 -12.33 10.03 -3.98
C ILE B 324 -13.86 10.02 -3.88
N GLY B 325 -14.40 9.01 -3.20
CA GLY B 325 -15.83 8.95 -2.91
C GLY B 325 -16.68 8.28 -3.96
N GLY B 326 -16.08 7.41 -4.78
CA GLY B 326 -16.84 6.72 -5.81
C GLY B 326 -16.06 6.50 -7.09
N LEU B 327 -16.76 6.04 -8.13
CA LEU B 327 -16.13 5.70 -9.40
C LEU B 327 -17.14 5.72 -10.55
N ASP B 328 -16.92 6.64 -11.51
CA ASP B 328 -17.75 6.71 -12.70
C ASP B 328 -17.04 6.10 -13.90
N LEU B 329 -15.73 6.31 -13.98
CA LEU B 329 -14.97 5.88 -15.15
C LEU B 329 -13.60 5.35 -14.79
N LEU B 330 -13.33 4.10 -15.18
CA LEU B 330 -12.01 3.51 -15.05
C LEU B 330 -11.33 3.54 -16.42
N VAL B 331 -10.14 4.12 -16.49
CA VAL B 331 -9.45 4.26 -17.77
C VAL B 331 -8.06 3.65 -17.78
N PHE B 332 -7.77 2.85 -18.80
CA PHE B 332 -6.45 2.27 -18.97
C PHE B 332 -5.63 3.04 -19.99
N THR B 333 -4.35 3.25 -19.69
CA THR B 333 -3.48 3.97 -20.62
C THR B 333 -2.07 3.39 -20.64
N ASP B 334 -1.24 3.94 -21.52
CA ASP B 334 0.10 3.43 -21.81
C ASP B 334 0.11 1.99 -22.33
N GLN B 335 1.31 1.52 -22.71
CA GLN B 335 1.48 0.28 -23.46
C GLN B 335 0.66 -0.92 -23.00
N MET B 336 0.80 -1.30 -21.74
CA MET B 336 0.11 -2.49 -21.22
C MET B 336 -1.40 -2.27 -21.06
N GLY B 337 -1.80 -1.04 -20.72
CA GLY B 337 -3.21 -0.73 -20.55
C GLY B 337 -3.97 -0.75 -21.87
N LEU B 338 -3.27 -0.37 -22.95
CA LEU B 338 -3.90 -0.24 -24.26
C LEU B 338 -3.89 -1.54 -25.05
N GLU B 339 -2.81 -2.33 -24.89
CA GLU B 339 -2.54 -3.44 -25.80
C GLU B 339 -2.52 -4.83 -25.15
N VAL B 340 -3.01 -4.94 -23.92
CA VAL B 340 -3.03 -6.21 -23.19
C VAL B 340 -4.42 -6.40 -22.58
N TRP B 341 -5.31 -7.06 -23.33
CA TRP B 341 -6.71 -7.19 -22.89
C TRP B 341 -6.91 -8.10 -21.67
N GLN B 342 -5.98 -9.04 -21.47
CA GLN B 342 -6.07 -9.96 -20.33
C GLN B 342 -5.99 -9.22 -18.99
N VAL B 343 -5.18 -8.18 -18.93
CA VAL B 343 -5.05 -7.37 -17.71
C VAL B 343 -6.35 -6.64 -17.41
N ARG B 344 -6.93 -6.01 -18.44
CA ARG B 344 -8.19 -5.28 -18.29
C ARG B 344 -9.32 -6.22 -17.87
N LYS B 345 -9.35 -7.40 -18.47
CA LYS B 345 -10.37 -8.39 -18.14
C LYS B 345 -10.21 -8.85 -16.70
N ALA B 346 -8.98 -9.14 -16.30
CA ALA B 346 -8.71 -9.59 -14.95
C ALA B 346 -9.17 -8.55 -13.92
N ILE B 347 -8.91 -7.28 -14.20
CA ILE B 347 -9.33 -6.20 -13.32
C ILE B 347 -10.86 -6.07 -13.27
N CYS B 348 -11.50 -6.03 -14.43
CA CYS B 348 -12.94 -5.84 -14.50
C CYS B 348 -13.74 -6.98 -13.85
N ASP B 349 -13.18 -8.20 -13.87
CA ASP B 349 -13.83 -9.32 -13.21
C ASP B 349 -13.76 -9.19 -11.69
N LYS B 350 -12.67 -8.63 -11.18
CA LYS B 350 -12.51 -8.36 -9.76
C LYS B 350 -13.54 -7.33 -9.29
N MET B 351 -13.94 -6.46 -10.22
CA MET B 351 -14.78 -5.31 -9.89
C MET B 351 -16.18 -5.39 -10.51
N LYS B 352 -16.56 -6.59 -10.95
CA LYS B 352 -17.89 -6.80 -11.50
C LYS B 352 -18.97 -6.49 -10.47
N PHE B 353 -18.67 -6.73 -9.20
CA PHE B 353 -19.63 -6.50 -8.11
C PHE B 353 -19.94 -5.01 -7.91
N LEU B 354 -19.13 -4.13 -8.48
CA LEU B 354 -19.32 -2.69 -8.33
C LEU B 354 -20.12 -2.08 -9.50
N GLY B 355 -20.51 -2.93 -10.45
CA GLY B 355 -21.29 -2.47 -11.58
C GLY B 355 -20.51 -2.28 -12.87
N ILE B 356 -19.62 -3.22 -13.16
CA ILE B 356 -18.87 -3.21 -14.42
C ILE B 356 -19.30 -4.36 -15.33
N GLU B 357 -19.99 -4.01 -16.42
CA GLU B 357 -20.44 -4.98 -17.40
C GLU B 357 -19.61 -4.81 -18.67
N LEU B 358 -18.61 -5.66 -18.83
CA LEU B 358 -17.64 -5.51 -19.90
C LEU B 358 -18.09 -6.21 -21.20
N ASP B 359 -18.00 -5.48 -22.31
CA ASP B 359 -18.20 -6.11 -23.61
C ASP B 359 -16.92 -6.86 -23.95
N ASP B 360 -16.94 -8.18 -23.73
CA ASP B 360 -15.74 -9.01 -23.86
C ASP B 360 -15.21 -9.09 -25.30
N SER B 361 -16.10 -8.90 -26.28
CA SER B 361 -15.69 -8.94 -27.68
C SER B 361 -14.94 -7.68 -28.07
N LEU B 362 -15.40 -6.53 -27.58
CA LEU B 362 -14.72 -5.25 -27.82
C LEU B 362 -13.36 -5.24 -27.14
N ASN B 363 -13.30 -5.76 -25.92
CA ASN B 363 -12.08 -5.76 -25.14
C ASN B 363 -10.96 -6.60 -25.76
N GLU B 364 -11.32 -7.77 -26.28
CA GLU B 364 -10.34 -8.68 -26.86
C GLU B 364 -9.75 -8.18 -28.17
N LYS B 365 -10.40 -7.19 -28.78
CA LYS B 365 -9.97 -6.68 -30.09
C LYS B 365 -9.39 -5.26 -30.03
N SER B 366 -9.55 -4.59 -28.89
CA SER B 366 -9.06 -3.22 -28.75
C SER B 366 -7.56 -3.16 -28.49
N MET B 367 -6.85 -2.33 -29.25
CA MET B 367 -5.44 -2.10 -29.03
C MET B 367 -5.22 -0.65 -28.60
N GLY B 368 -6.31 0.04 -28.29
CA GLY B 368 -6.24 1.38 -27.75
C GLY B 368 -5.64 2.41 -28.68
N LYS B 369 -5.83 2.22 -29.98
CA LYS B 369 -5.38 3.20 -30.96
C LYS B 369 -6.21 4.46 -30.87
N LYS B 370 -7.37 4.37 -30.24
CA LYS B 370 -8.25 5.51 -30.04
C LYS B 370 -9.19 5.29 -28.84
N ILE B 371 -9.63 6.39 -28.23
CA ILE B 371 -10.54 6.31 -27.09
C ILE B 371 -11.82 5.58 -27.45
N GLU B 372 -12.07 4.46 -26.78
CA GLU B 372 -13.26 3.66 -27.04
C GLU B 372 -13.69 2.91 -25.79
N PHE B 373 -14.98 3.01 -25.45
CA PHE B 373 -15.52 2.34 -24.28
C PHE B 373 -15.60 0.83 -24.50
N LEU B 374 -15.16 0.08 -23.50
CA LEU B 374 -15.18 -1.38 -23.58
C LEU B 374 -16.36 -1.97 -22.80
N THR B 375 -17.00 -1.13 -21.98
CA THR B 375 -18.18 -1.54 -21.24
C THR B 375 -19.45 -1.26 -22.04
N MET B 376 -20.50 -2.02 -21.74
CA MET B 376 -21.83 -1.72 -22.26
C MET B 376 -22.22 -0.32 -21.77
N PRO B 377 -23.01 0.41 -22.58
CA PRO B 377 -23.50 1.73 -22.17
C PRO B 377 -24.49 1.66 -21.00
N SER B 378 -25.07 0.49 -20.79
CA SER B 378 -25.95 0.29 -19.63
C SER B 378 -25.14 0.12 -18.34
N SER B 379 -23.88 -0.29 -18.49
CA SER B 379 -23.01 -0.56 -17.35
C SER B 379 -22.89 0.64 -16.42
N LYS B 380 -23.10 0.42 -15.13
CA LYS B 380 -23.07 1.47 -14.12
C LYS B 380 -21.75 2.23 -14.13
N VAL B 381 -20.65 1.48 -13.99
CA VAL B 381 -19.31 2.05 -14.12
C VAL B 381 -18.83 1.85 -15.55
N GLN B 382 -18.27 2.90 -16.15
CA GLN B 382 -17.76 2.80 -17.51
C GLN B 382 -16.26 2.50 -17.51
N VAL B 383 -15.81 1.76 -18.52
CA VAL B 383 -14.39 1.44 -18.69
C VAL B 383 -13.94 1.84 -20.09
N CYS B 384 -12.81 2.55 -20.18
CA CYS B 384 -12.30 2.93 -21.49
C CYS B 384 -10.77 2.86 -21.53
N VAL B 385 -10.25 2.77 -22.75
CA VAL B 385 -8.82 2.91 -22.97
C VAL B 385 -8.59 4.28 -23.61
N ALA B 386 -7.52 4.95 -23.21
CA ALA B 386 -7.23 6.28 -23.74
C ALA B 386 -5.76 6.43 -24.09
N PRO B 387 -5.46 6.74 -25.36
CA PRO B 387 -4.10 6.91 -25.89
C PRO B 387 -3.32 8.02 -25.17
N ASN B 388 -2.01 7.82 -25.01
CA ASN B 388 -1.15 8.81 -24.36
C ASN B 388 0.23 8.87 -24.99
N ASP B 389 0.28 8.96 -26.33
CA ASP B 389 1.55 9.04 -27.05
C ASP B 389 2.44 10.14 -26.48
N GLU B 390 3.68 9.77 -26.15
CA GLU B 390 4.64 10.66 -25.48
C GLU B 390 4.75 12.06 -26.08
N GLU B 391 4.84 12.15 -27.40
CA GLU B 391 5.06 13.44 -28.06
C GLU B 391 3.84 14.34 -28.00
N LEU B 392 2.67 13.77 -28.27
CA LEU B 392 1.42 14.52 -28.19
C LEU B 392 1.20 15.06 -26.78
N VAL B 393 1.64 14.29 -25.78
CA VAL B 393 1.52 14.68 -24.38
C VAL B 393 2.30 15.97 -24.09
N ILE B 394 3.54 16.04 -24.58
CA ILE B 394 4.36 17.24 -24.41
C ILE B 394 3.83 18.37 -25.28
N LEU B 395 3.37 18.03 -26.49
CA LEU B 395 2.80 19.00 -27.40
C LEU B 395 1.54 19.63 -26.81
N GLN B 396 0.72 18.82 -26.16
CA GLN B 396 -0.53 19.29 -25.56
C GLN B 396 -0.27 20.31 -24.46
N LYS B 397 0.79 20.08 -23.69
CA LYS B 397 1.19 21.00 -22.63
C LYS B 397 1.56 22.35 -23.25
N GLY B 398 2.08 22.31 -24.47
CA GLY B 398 2.45 23.53 -25.17
C GLY B 398 1.25 24.31 -25.69
N LYS B 399 0.23 23.60 -26.17
CA LYS B 399 -1.02 24.24 -26.59
C LYS B 399 -1.62 24.97 -25.40
N GLU B 400 -1.49 24.36 -24.22
CA GLU B 400 -2.04 24.92 -22.99
C GLU B 400 -1.30 26.18 -22.57
N LEU B 401 0.00 26.23 -22.83
CA LEU B 401 0.84 27.34 -22.39
C LEU B 401 0.92 28.49 -23.39
N PHE B 402 0.81 28.18 -24.68
CA PHE B 402 1.03 29.17 -25.73
C PHE B 402 -0.17 29.37 -26.66
N GLN B 403 -1.16 28.49 -26.54
CA GLN B 403 -2.37 28.53 -27.36
C GLN B 403 -2.11 28.28 -28.87
N PHE B 404 -1.06 27.53 -29.18
CA PHE B 404 -0.85 27.11 -30.56
C PHE B 404 -1.64 25.85 -30.89
#